data_4XMV
#
_entry.id   4XMV
#
_cell.length_a   120.812
_cell.length_b   120.812
_cell.length_c   170.279
_cell.angle_alpha   90.00
_cell.angle_beta   90.00
_cell.angle_gamma   120.00
#
_symmetry.space_group_name_H-M   'P 31 2 1'
#
loop_
_entity.id
_entity.type
_entity.pdbx_description
1 polymer 'Aminopeptidase N'
2 non-polymer 'ZINC ION'
3 non-polymer ARGININE
4 non-polymer 'SODIUM ION'
5 non-polymer GLYCEROL
6 non-polymer 'MALONATE ION'
7 water water
#
_entity_poly.entity_id   1
_entity_poly.type   'polypeptide(L)'
_entity_poly.pdbx_seq_one_letter_code
;PQAKYRHDYRAPDYQITDIDLTFDLDAQKTVVTAVSQAVRHGASDAPLRLNGEDLKLVSVHINDEPWTAWKEEEGALVIS
NLPERFTLKIINEISPAANTALEGLYQSGDALCTQCEAEGFRHITYYLDRPDVLARFTTKIIADKIKYPFLLSNGNRVAQ
GELENGRHWVQWQDPFPKPCYLFALVAGDFDVLRDTFTTRSGREVALELYVDRGNLDRAPWAMTSLKNSMKWDEERFGLE
YDLDIYMIVAVDFFNAGAMENKGLNIFNSKYVLARTDTATDKDYLDIERVIGHEYFHNWTGNRVTCRDWFQLSLKEGLTV
FRDQEFSSDLGSRAVNRINNVRTMRGLQFAEDASPMAHPIRPDMVIEMNNFYTLTVYEKGAEVIRMIHTLLGEENFQKGM
QLYFERHDGSAATCDDFVQAMEDASNVDLSHFRRWYSQSGTPIVTVKDDYNPETEQYTLTISQRTPATPDQAEKQPLHIP
FAIELYDNEGKVIPLQKGGHPVNSVLNVTQAEQTFVFDNVYFQPVPALLCEFSAPVKLEYKWSDQQLTFLMRHARNDFSR
WDAAQSLLATYIKLNVARHQQGQPLSLPVHVADAFRAVLLDEKIDPALAAEILTLPSVNEMAELFDIIDPIAIAEVREAL
TRTLATELADELLAIYNANYQSEYRVEHEDIAKRTLRNACLRFLAFGETHLADVLVSKQFHEANNMTDALAALSAAVAAQ
LPCRDALMQEYDDKWHQNGLVMDKWFILQATSPAANVLETVRGLLQHRSFTMSNPNRIRSLIGAFAGSNPAAFHAEDGSG
YLFLVEMLTDLNSRNPQVASRLIEPLIRLKRYDAKRQEKMRAALEQLKGLENLSGDLYEKITKALA
;
_entity_poly.pdbx_strand_id   A
#
loop_
_chem_comp.id
_chem_comp.type
_chem_comp.name
_chem_comp.formula
GOL non-polymer GLYCEROL 'C3 H8 O3'
MLI non-polymer 'MALONATE ION' 'C3 H2 O4 -2'
NA non-polymer 'SODIUM ION' 'Na 1'
ZN non-polymer 'ZINC ION' 'Zn 2'
#
# COMPACT_ATOMS: atom_id res chain seq x y z
N PRO A 1 23.92 -7.12 -10.23
CA PRO A 1 23.31 -6.91 -11.55
C PRO A 1 23.44 -5.45 -12.03
N GLN A 2 22.74 -5.10 -13.11
CA GLN A 2 22.93 -3.80 -13.79
C GLN A 2 21.72 -2.84 -13.64
N ALA A 3 22.01 -1.56 -13.40
CA ALA A 3 21.00 -0.52 -13.16
C ALA A 3 20.36 -0.01 -14.43
N LYS A 4 19.09 0.37 -14.41
CA LYS A 4 18.46 0.98 -15.60
C LYS A 4 17.96 2.40 -15.33
N TYR A 5 18.08 3.29 -16.31
CA TYR A 5 17.86 4.72 -16.15
C TYR A 5 16.74 5.24 -17.03
N ARG A 6 15.78 5.90 -16.40
CA ARG A 6 14.66 6.53 -17.09
C ARG A 6 15.04 7.30 -18.34
N HIS A 7 16.17 8.00 -18.30
CA HIS A 7 16.54 8.89 -19.40
C HIS A 7 17.03 8.14 -20.60
N ASP A 8 17.30 6.84 -20.47
CA ASP A 8 17.61 6.00 -21.65
C ASP A 8 16.38 5.41 -22.37
N TYR A 9 15.17 5.65 -21.87
CA TYR A 9 13.97 5.12 -22.54
C TYR A 9 14.02 5.38 -24.05
N ARG A 10 13.83 4.35 -24.88
CA ARG A 10 13.68 4.50 -26.34
C ARG A 10 12.52 3.64 -26.81
N ALA A 11 11.69 4.20 -27.69
CA ALA A 11 10.71 3.39 -28.40
C ALA A 11 11.40 2.13 -28.91
N PRO A 12 10.73 0.98 -28.79
CA PRO A 12 11.33 -0.28 -29.22
C PRO A 12 11.53 -0.40 -30.75
N ASP A 13 12.53 -1.19 -31.11
CA ASP A 13 12.86 -1.44 -32.51
C ASP A 13 11.86 -2.35 -33.15
N TYR A 14 11.16 -3.13 -32.35
CA TYR A 14 10.12 -3.99 -32.87
C TYR A 14 8.89 -3.84 -32.00
N GLN A 15 7.76 -4.16 -32.61
CA GLN A 15 6.51 -4.19 -31.94
C GLN A 15 5.88 -5.52 -32.22
N ILE A 16 4.94 -5.86 -31.38
CA ILE A 16 4.12 -7.04 -31.55
C ILE A 16 2.69 -6.54 -31.45
N THR A 17 1.87 -7.08 -32.33
CA THR A 17 0.50 -6.64 -32.41
C THR A 17 -0.51 -7.62 -31.85
N ASP A 18 -0.14 -8.90 -31.96
CA ASP A 18 -1.04 -10.06 -31.74
C ASP A 18 -0.19 -11.21 -31.25
N ILE A 19 -0.66 -11.95 -30.25
CA ILE A 19 0.06 -13.15 -29.79
C ILE A 19 -0.96 -14.21 -29.48
N ASP A 20 -0.76 -15.42 -29.99
CA ASP A 20 -1.63 -16.56 -29.70
CA ASP A 20 -1.63 -16.51 -29.67
C ASP A 20 -0.80 -17.53 -28.88
N LEU A 21 -1.21 -17.74 -27.63
CA LEU A 21 -0.53 -18.61 -26.69
C LEU A 21 -1.23 -19.93 -26.54
N THR A 22 -0.46 -21.03 -26.49
CA THR A 22 -0.97 -22.32 -26.10
C THR A 22 -0.13 -22.88 -24.94
N PHE A 23 -0.81 -23.40 -23.93
CA PHE A 23 -0.19 -23.97 -22.78
C PHE A 23 -0.62 -25.41 -22.69
N ASP A 24 0.36 -26.30 -22.62
CA ASP A 24 0.17 -27.70 -22.25
C ASP A 24 0.59 -27.73 -20.78
N LEU A 25 -0.39 -27.51 -19.91
CA LEU A 25 -0.16 -27.35 -18.47
C LEU A 25 0.11 -28.63 -17.78
N ASP A 26 1.19 -28.65 -17.03
CA ASP A 26 1.43 -29.66 -16.03
C ASP A 26 2.38 -29.00 -15.05
N ALA A 27 2.16 -29.25 -13.77
CA ALA A 27 3.01 -28.63 -12.74
C ALA A 27 4.51 -28.83 -12.85
N GLN A 28 4.96 -30.07 -13.03
CA GLN A 28 6.40 -30.35 -13.23
C GLN A 28 6.89 -29.74 -14.55
N LYS A 29 6.12 -29.91 -15.63
CA LYS A 29 6.59 -29.47 -16.94
C LYS A 29 5.49 -28.96 -17.89
N THR A 30 5.42 -27.64 -17.97
CA THR A 30 4.47 -26.98 -18.81
C THR A 30 5.18 -26.54 -20.09
N VAL A 31 4.56 -26.80 -21.22
CA VAL A 31 5.07 -26.40 -22.50
C VAL A 31 4.27 -25.22 -23.04
N VAL A 32 4.96 -24.21 -23.55
CA VAL A 32 4.33 -22.98 -24.05
C VAL A 32 4.64 -22.79 -25.52
N THR A 33 3.60 -22.67 -26.32
CA THR A 33 3.74 -22.26 -27.71
C THR A 33 3.22 -20.85 -27.86
N ALA A 34 4.07 -19.99 -28.38
CA ALA A 34 3.78 -18.57 -28.50
C ALA A 34 3.97 -18.13 -29.95
N VAL A 35 2.85 -17.92 -30.61
CA VAL A 35 2.87 -17.40 -31.97
C VAL A 35 2.58 -15.91 -31.98
N SER A 36 3.55 -15.13 -32.46
CA SER A 36 3.44 -13.69 -32.36
C SER A 36 3.50 -13.01 -33.72
N GLN A 37 2.59 -12.08 -34.01
CA GLN A 37 2.70 -11.21 -35.19
C GLN A 37 3.51 -10.00 -34.85
N ALA A 38 4.57 -9.75 -35.61
CA ALA A 38 5.50 -8.71 -35.23
C ALA A 38 5.85 -7.83 -36.37
N VAL A 39 6.46 -6.71 -36.00
CA VAL A 39 6.85 -5.68 -36.93
C VAL A 39 8.20 -5.12 -36.54
N ARG A 40 9.07 -4.94 -37.53
CA ARG A 40 10.28 -4.17 -37.33
C ARG A 40 10.09 -2.69 -37.73
N HIS A 41 10.18 -1.78 -36.75
CA HIS A 41 10.18 -0.33 -36.94
C HIS A 41 11.59 0.21 -37.10
N GLY A 42 12.49 -0.33 -36.27
CA GLY A 42 13.91 -0.01 -36.34
C GLY A 42 14.57 -0.40 -37.65
N ALA A 43 15.90 -0.49 -37.60
CA ALA A 43 16.71 -0.72 -38.79
C ALA A 43 17.01 -2.22 -38.95
N SER A 44 17.28 -2.65 -40.18
CA SER A 44 17.41 -4.08 -40.45
C SER A 44 18.57 -4.69 -39.71
N ASP A 45 19.66 -3.98 -39.56
CA ASP A 45 20.80 -4.55 -38.83
C ASP A 45 20.55 -4.80 -37.32
N ALA A 46 19.43 -4.29 -36.80
CA ALA A 46 19.16 -4.30 -35.37
C ALA A 46 18.22 -5.44 -34.97
N PRO A 47 18.68 -6.32 -34.09
CA PRO A 47 18.02 -7.59 -33.94
C PRO A 47 16.87 -7.47 -32.97
N LEU A 48 16.04 -8.48 -32.93
CA LEU A 48 15.00 -8.53 -31.95
C LEU A 48 15.56 -9.10 -30.65
N ARG A 49 15.68 -8.28 -29.59
CA ARG A 49 16.05 -8.80 -28.26
C ARG A 49 14.75 -9.09 -27.50
N LEU A 50 14.51 -10.36 -27.21
CA LEU A 50 13.33 -10.78 -26.48
C LEU A 50 13.79 -11.07 -25.09
N ASN A 51 12.99 -10.85 -24.07
CA ASN A 51 13.39 -11.24 -22.71
C ASN A 51 12.91 -12.61 -22.34
N GLY A 52 13.76 -13.33 -21.60
CA GLY A 52 13.39 -14.62 -20.99
C GLY A 52 14.24 -14.97 -19.77
N GLU A 53 13.64 -15.58 -18.75
CA GLU A 53 14.37 -16.05 -17.56
C GLU A 53 13.96 -17.47 -17.23
N ASP A 54 14.92 -18.35 -16.95
CA ASP A 54 14.69 -19.77 -16.61
C ASP A 54 13.76 -20.48 -17.61
N LEU A 55 14.08 -20.30 -18.89
CA LEU A 55 13.30 -20.89 -19.97
C LEU A 55 14.11 -21.95 -20.67
N LYS A 56 13.42 -23.02 -21.04
CA LYS A 56 14.04 -24.02 -21.85
C LYS A 56 13.49 -23.86 -23.27
N LEU A 57 14.32 -23.32 -24.16
CA LEU A 57 13.94 -23.03 -25.53
C LEU A 57 13.93 -24.33 -26.32
N VAL A 58 12.80 -24.65 -26.91
CA VAL A 58 12.64 -25.85 -27.69
C VAL A 58 12.75 -25.59 -29.21
N SER A 59 12.18 -24.49 -29.69
CA SER A 59 12.26 -24.17 -31.12
C SER A 59 11.85 -22.74 -31.46
N VAL A 60 12.41 -22.26 -32.57
CA VAL A 60 12.24 -20.89 -33.02
C VAL A 60 11.94 -20.89 -34.48
N HIS A 61 10.77 -20.38 -34.87
CA HIS A 61 10.46 -20.23 -36.28
C HIS A 61 10.09 -18.82 -36.62
N ILE A 62 10.42 -18.44 -37.84
CA ILE A 62 10.03 -17.17 -38.40
C ILE A 62 9.28 -17.45 -39.69
N ASN A 63 7.97 -17.20 -39.69
CA ASN A 63 7.10 -17.53 -40.82
C ASN A 63 7.17 -19.01 -41.14
N ASP A 64 7.16 -19.85 -40.11
CA ASP A 64 7.24 -21.31 -40.24
C ASP A 64 8.58 -21.82 -40.69
N GLU A 65 9.59 -20.98 -40.67
CA GLU A 65 10.90 -21.38 -41.10
C GLU A 65 11.76 -21.57 -39.86
N PRO A 66 12.17 -22.81 -39.61
CA PRO A 66 13.05 -23.03 -38.48
C PRO A 66 14.23 -22.06 -38.58
N TRP A 67 14.35 -21.17 -37.58
CA TRP A 67 15.37 -20.06 -37.63
C TRP A 67 16.76 -20.47 -37.13
N THR A 68 17.79 -20.05 -37.86
CA THR A 68 19.18 -20.40 -37.51
C THR A 68 19.98 -19.19 -37.00
N ALA A 69 19.56 -17.98 -37.38
CA ALA A 69 20.20 -16.72 -36.95
C ALA A 69 19.68 -16.18 -35.60
N TRP A 70 20.18 -16.75 -34.51
CA TRP A 70 19.80 -16.32 -33.17
C TRP A 70 20.80 -16.84 -32.15
N LYS A 71 20.83 -16.21 -30.97
CA LYS A 71 21.61 -16.77 -29.86
C LYS A 71 20.94 -16.46 -28.56
N GLU A 72 21.03 -17.38 -27.61
CA GLU A 72 20.66 -17.08 -26.23
C GLU A 72 21.87 -16.48 -25.56
N GLU A 73 21.80 -15.23 -25.14
CA GLU A 73 22.78 -14.74 -24.18
C GLU A 73 22.05 -14.60 -22.83
N GLU A 74 22.68 -14.00 -21.84
CA GLU A 74 22.13 -14.01 -20.48
C GLU A 74 20.80 -13.23 -20.39
N GLY A 75 19.71 -13.98 -20.22
CA GLY A 75 18.37 -13.41 -19.97
C GLY A 75 17.62 -12.94 -21.21
N ALA A 76 18.14 -13.22 -22.39
CA ALA A 76 17.56 -12.75 -23.65
C ALA A 76 17.67 -13.76 -24.80
N LEU A 77 16.77 -13.69 -25.75
CA LEU A 77 16.93 -14.43 -26.99
C LEU A 77 17.06 -13.35 -28.07
N VAL A 78 18.18 -13.35 -28.78
CA VAL A 78 18.50 -12.31 -29.76
C VAL A 78 18.39 -12.87 -31.16
N ILE A 79 17.46 -12.34 -31.96
CA ILE A 79 17.16 -12.89 -33.30
C ILE A 79 17.46 -11.91 -34.39
N SER A 80 18.24 -12.33 -35.38
CA SER A 80 18.76 -11.43 -36.42
C SER A 80 18.10 -11.61 -37.77
N ASN A 81 18.38 -10.67 -38.66
CA ASN A 81 18.05 -10.73 -40.09
C ASN A 81 16.55 -10.88 -40.41
N LEU A 82 15.74 -10.18 -39.64
CA LEU A 82 14.32 -10.43 -39.69
C LEU A 82 13.69 -9.61 -40.79
N PRO A 83 12.57 -10.07 -41.35
CA PRO A 83 11.72 -9.24 -42.18
C PRO A 83 11.20 -8.01 -41.44
N GLU A 84 10.52 -7.16 -42.19
CA GLU A 84 9.82 -6.00 -41.66
C GLU A 84 8.52 -6.43 -41.00
N ARG A 85 7.88 -7.47 -41.52
CA ARG A 85 6.71 -8.06 -40.89
C ARG A 85 6.88 -9.59 -40.89
N PHE A 86 6.66 -10.22 -39.76
CA PHE A 86 6.86 -11.65 -39.71
C PHE A 86 6.10 -12.30 -38.56
N THR A 87 5.86 -13.60 -38.70
CA THR A 87 5.27 -14.37 -37.63
C THR A 87 6.43 -15.03 -36.91
N LEU A 88 6.55 -14.72 -35.62
CA LEU A 88 7.46 -15.37 -34.73
C LEU A 88 6.77 -16.52 -34.06
N LYS A 89 7.39 -17.69 -34.11
CA LYS A 89 6.92 -18.77 -33.26
C LYS A 89 7.96 -19.35 -32.31
N ILE A 90 7.65 -19.30 -31.01
CA ILE A 90 8.50 -19.87 -29.98
C ILE A 90 7.80 -21.00 -29.30
N ILE A 91 8.53 -22.05 -29.01
CA ILE A 91 8.07 -23.09 -28.08
C ILE A 91 9.10 -23.21 -26.96
N ASN A 92 8.63 -23.29 -25.72
CA ASN A 92 9.54 -23.44 -24.59
C ASN A 92 8.92 -24.18 -23.42
N GLU A 93 9.78 -24.57 -22.48
CA GLU A 93 9.31 -25.24 -21.26
C GLU A 93 9.66 -24.50 -19.98
N ILE A 94 8.78 -24.65 -19.00
CA ILE A 94 8.90 -24.01 -17.70
C ILE A 94 8.41 -25.01 -16.70
N SER A 95 8.68 -24.78 -15.44
CA SER A 95 8.30 -25.74 -14.43
C SER A 95 7.67 -25.02 -13.25
N PRO A 96 6.36 -24.89 -13.24
CA PRO A 96 5.68 -24.17 -12.15
C PRO A 96 5.95 -24.72 -10.73
N ALA A 97 6.13 -26.03 -10.62
CA ALA A 97 6.35 -26.69 -9.34
C ALA A 97 7.66 -26.19 -8.68
N ALA A 98 8.64 -25.88 -9.51
CA ALA A 98 9.92 -25.36 -9.07
C ALA A 98 9.88 -23.88 -8.74
N ASN A 99 8.78 -23.19 -9.07
CA ASN A 99 8.74 -21.74 -8.95
C ASN A 99 8.43 -21.32 -7.51
N THR A 100 9.45 -21.25 -6.66
CA THR A 100 9.21 -20.84 -5.29
C THR A 100 9.06 -19.31 -5.15
N ALA A 101 9.61 -18.57 -6.12
CA ALA A 101 9.71 -17.10 -6.05
C ALA A 101 8.40 -16.41 -6.32
N LEU A 102 7.49 -17.15 -6.94
CA LEU A 102 6.12 -16.73 -7.22
C LEU A 102 6.07 -15.56 -8.20
N GLU A 103 6.98 -15.59 -9.18
CA GLU A 103 6.98 -14.73 -10.39
C GLU A 103 6.74 -15.62 -11.57
N GLY A 104 5.90 -15.19 -12.50
CA GLY A 104 5.60 -16.02 -13.66
C GLY A 104 4.45 -16.95 -13.39
N LEU A 105 4.60 -18.22 -13.74
CA LEU A 105 3.58 -19.22 -13.49
C LEU A 105 4.05 -20.15 -12.38
N TYR A 106 3.24 -20.28 -11.37
CA TYR A 106 3.63 -21.02 -10.22
C TYR A 106 2.41 -21.73 -9.68
N GLN A 107 2.56 -22.35 -8.54
CA GLN A 107 1.57 -23.27 -8.02
C GLN A 107 1.16 -22.66 -6.68
N SER A 108 -0.14 -22.45 -6.49
CA SER A 108 -0.63 -21.97 -5.19
C SER A 108 -1.53 -23.03 -4.58
N GLY A 109 -0.97 -23.88 -3.73
CA GLY A 109 -1.67 -25.11 -3.36
C GLY A 109 -1.82 -26.03 -4.58
N ASP A 110 -3.02 -26.52 -4.86
CA ASP A 110 -3.19 -27.45 -5.98
C ASP A 110 -3.36 -26.73 -7.30
N ALA A 111 -3.76 -25.47 -7.21
CA ALA A 111 -3.94 -24.62 -8.37
C ALA A 111 -2.63 -24.13 -9.02
N LEU A 112 -2.77 -23.69 -10.25
CA LEU A 112 -1.73 -22.99 -10.99
C LEU A 112 -2.23 -21.59 -11.26
N CYS A 113 -1.37 -20.58 -11.12
CA CYS A 113 -1.74 -19.21 -11.39
C CYS A 113 -0.53 -18.39 -11.76
N THR A 114 -0.77 -17.16 -12.23
CA THR A 114 0.29 -16.24 -12.63
C THR A 114 0.48 -14.93 -11.83
N GLN A 115 1.72 -14.45 -11.81
CA GLN A 115 2.00 -13.04 -11.55
C GLN A 115 3.05 -12.52 -12.56
N CYS A 116 2.67 -11.52 -13.34
CA CYS A 116 3.48 -11.05 -14.46
C CYS A 116 3.98 -9.62 -14.29
N GLU A 117 3.30 -8.84 -13.45
CA GLU A 117 3.82 -7.51 -13.11
C GLU A 117 4.96 -7.74 -12.11
N ALA A 118 6.10 -7.07 -12.31
CA ALA A 118 6.32 -6.13 -13.45
C ALA A 118 6.90 -6.86 -14.65
N GLU A 119 7.91 -7.69 -14.40
CA GLU A 119 8.63 -8.34 -15.48
C GLU A 119 8.63 -9.86 -15.29
N GLY A 120 7.44 -10.39 -15.07
CA GLY A 120 7.22 -11.80 -14.81
C GLY A 120 6.83 -12.62 -16.04
N PHE A 121 6.25 -11.99 -17.07
CA PHE A 121 5.87 -12.71 -18.30
C PHE A 121 7.10 -13.35 -18.96
N ARG A 122 8.29 -12.77 -18.78
CA ARG A 122 9.52 -13.35 -19.32
C ARG A 122 9.89 -14.71 -18.69
N HIS A 123 9.26 -15.07 -17.56
CA HIS A 123 9.43 -16.39 -16.92
C HIS A 123 8.50 -17.45 -17.50
N ILE A 124 7.68 -17.02 -18.44
CA ILE A 124 6.66 -17.82 -19.09
C ILE A 124 7.02 -18.05 -20.56
N THR A 125 7.49 -17.03 -21.26
CA THR A 125 8.02 -17.21 -22.63
C THR A 125 8.88 -16.03 -23.04
N TYR A 126 9.65 -16.21 -24.11
CA TYR A 126 10.45 -15.14 -24.70
C TYR A 126 9.61 -14.06 -25.36
N TYR A 127 9.66 -12.85 -24.84
CA TYR A 127 8.72 -11.81 -25.25
C TYR A 127 9.38 -10.46 -25.11
N LEU A 128 8.76 -9.47 -25.77
CA LEU A 128 9.09 -8.08 -25.53
C LEU A 128 8.40 -7.67 -24.23
N ASP A 129 9.05 -8.00 -23.11
CA ASP A 129 8.46 -7.82 -21.78
C ASP A 129 8.63 -6.40 -21.31
N ARG A 130 7.83 -5.51 -21.87
CA ARG A 130 7.91 -4.10 -21.54
C ARG A 130 6.56 -3.46 -21.87
N PRO A 131 6.04 -2.64 -20.97
CA PRO A 131 4.62 -2.27 -21.06
C PRO A 131 4.30 -1.27 -22.15
N ASP A 132 5.31 -0.75 -22.86
CA ASP A 132 5.01 0.01 -24.08
C ASP A 132 4.74 -0.89 -25.30
N VAL A 133 4.90 -2.21 -25.20
CA VAL A 133 4.45 -3.13 -26.26
C VAL A 133 3.09 -3.74 -25.91
N LEU A 134 2.03 -3.27 -26.62
CA LEU A 134 0.63 -3.74 -26.45
C LEU A 134 0.23 -4.62 -27.61
N ALA A 135 -0.43 -5.75 -27.30
CA ALA A 135 -0.95 -6.71 -28.29
C ALA A 135 -2.25 -7.40 -27.85
N ARG A 136 -2.99 -7.93 -28.84
CA ARG A 136 -4.24 -8.70 -28.61
C ARG A 136 -3.87 -10.14 -28.34
N PHE A 137 -4.33 -10.66 -27.20
CA PHE A 137 -3.98 -11.99 -26.74
C PHE A 137 -5.09 -12.97 -27.03
N THR A 138 -4.68 -14.19 -27.32
CA THR A 138 -5.58 -15.29 -27.47
C THR A 138 -4.86 -16.36 -26.74
N THR A 139 -5.57 -17.04 -25.85
CA THR A 139 -4.92 -17.92 -24.91
C THR A 139 -5.61 -19.26 -24.84
N LYS A 140 -4.90 -20.32 -25.21
CA LYS A 140 -5.40 -21.68 -25.23
C LYS A 140 -4.71 -22.47 -24.15
N ILE A 141 -5.52 -23.12 -23.33
CA ILE A 141 -5.05 -23.92 -22.21
C ILE A 141 -5.50 -25.36 -22.31
N ILE A 142 -4.55 -26.29 -22.17
CA ILE A 142 -4.81 -27.73 -22.20
C ILE A 142 -4.39 -28.32 -20.87
N ALA A 143 -5.24 -29.12 -20.25
CA ALA A 143 -4.95 -29.63 -18.92
C ALA A 143 -5.74 -30.87 -18.57
N ASP A 144 -5.31 -31.56 -17.53
CA ASP A 144 -6.08 -32.66 -16.97
C ASP A 144 -7.36 -32.14 -16.35
N LYS A 145 -8.47 -32.64 -16.85
CA LYS A 145 -9.79 -32.24 -16.40
C LYS A 145 -10.04 -32.43 -14.90
N ILE A 146 -9.41 -33.44 -14.29
CA ILE A 146 -9.68 -33.72 -12.88
C ILE A 146 -8.93 -32.76 -11.96
N LYS A 147 -7.62 -32.61 -12.16
CA LYS A 147 -6.88 -31.60 -11.42
C LYS A 147 -7.29 -30.17 -11.74
N TYR A 148 -7.59 -29.87 -13.01
CA TYR A 148 -7.77 -28.47 -13.46
C TYR A 148 -9.07 -28.26 -14.25
N PRO A 149 -10.21 -28.52 -13.62
CA PRO A 149 -11.50 -28.38 -14.29
C PRO A 149 -11.80 -26.95 -14.79
N PHE A 150 -11.32 -25.96 -14.04
CA PHE A 150 -11.42 -24.57 -14.46
C PHE A 150 -10.11 -24.07 -15.08
N LEU A 151 -10.21 -23.57 -16.30
CA LEU A 151 -9.09 -23.02 -17.05
C LEU A 151 -9.40 -21.58 -17.51
N LEU A 152 -8.77 -20.62 -16.82
CA LEU A 152 -9.06 -19.22 -17.01
C LEU A 152 -7.88 -18.43 -17.57
N SER A 153 -8.19 -17.52 -18.51
CA SER A 153 -7.29 -16.44 -18.90
C SER A 153 -8.18 -15.20 -19.15
N ASN A 154 -7.55 -14.10 -19.57
CA ASN A 154 -8.26 -12.86 -19.78
C ASN A 154 -9.18 -12.94 -20.98
N GLY A 155 -10.35 -12.35 -20.80
CA GLY A 155 -11.25 -12.06 -21.90
C GLY A 155 -12.48 -12.94 -21.86
N ASN A 156 -12.77 -13.54 -23.01
CA ASN A 156 -13.97 -14.34 -23.20
C ASN A 156 -13.66 -15.81 -23.59
N ARG A 157 -14.42 -16.82 -23.08
CA ARG A 157 -14.31 -18.23 -23.58
C ARG A 157 -14.81 -18.24 -25.03
N VAL A 158 -13.96 -18.55 -25.99
CA VAL A 158 -14.37 -18.58 -27.37
C VAL A 158 -14.27 -19.98 -27.95
N ALA A 159 -13.93 -20.97 -27.13
CA ALA A 159 -13.73 -22.31 -27.67
C ALA A 159 -13.41 -23.26 -26.54
N GLN A 160 -13.74 -24.51 -26.78
CA GLN A 160 -13.71 -25.52 -25.74
C GLN A 160 -13.58 -26.84 -26.44
N GLY A 161 -12.82 -27.76 -25.87
CA GLY A 161 -12.74 -29.11 -26.41
C GLY A 161 -12.44 -30.14 -25.35
N GLU A 162 -12.85 -31.39 -25.61
CA GLU A 162 -12.37 -32.54 -24.84
C GLU A 162 -11.31 -33.32 -25.64
N LEU A 163 -10.52 -34.11 -24.93
CA LEU A 163 -9.47 -34.91 -25.51
C LEU A 163 -9.45 -36.27 -24.87
N GLU A 164 -8.83 -37.20 -25.59
CA GLU A 164 -8.42 -38.47 -25.01
C GLU A 164 -7.42 -38.25 -23.82
N ASN A 165 -7.34 -39.26 -22.98
CA ASN A 165 -6.54 -39.23 -21.74
C ASN A 165 -7.03 -38.31 -20.63
N GLY A 166 -8.34 -38.00 -20.63
CA GLY A 166 -8.93 -37.19 -19.57
C GLY A 166 -8.36 -35.77 -19.50
N ARG A 167 -8.08 -35.21 -20.66
CA ARG A 167 -7.67 -33.83 -20.76
C ARG A 167 -8.72 -33.04 -21.51
N HIS A 168 -8.70 -31.74 -21.29
CA HIS A 168 -9.58 -30.80 -21.95
C HIS A 168 -8.81 -29.50 -22.25
N TRP A 169 -9.43 -28.65 -23.01
CA TRP A 169 -8.79 -27.42 -23.33
C TRP A 169 -9.83 -26.35 -23.42
N VAL A 170 -9.40 -25.11 -23.27
CA VAL A 170 -10.27 -23.94 -23.31
C VAL A 170 -9.51 -22.80 -23.97
N GLN A 171 -10.23 -21.92 -24.68
CA GLN A 171 -9.59 -20.79 -25.29
C GLN A 171 -10.27 -19.47 -25.00
N TRP A 172 -9.44 -18.45 -24.78
CA TRP A 172 -9.83 -17.14 -24.30
C TRP A 172 -9.36 -16.10 -25.29
N GLN A 173 -10.16 -15.06 -25.47
CA GLN A 173 -9.80 -14.01 -26.36
C GLN A 173 -10.12 -12.71 -25.66
N ASP A 174 -9.08 -11.91 -25.45
CA ASP A 174 -9.20 -10.57 -24.90
C ASP A 174 -9.10 -9.56 -26.04
N PRO A 175 -10.20 -8.86 -26.30
CA PRO A 175 -10.23 -7.97 -27.45
C PRO A 175 -9.30 -6.76 -27.38
N PHE A 176 -8.97 -6.31 -26.18
CA PHE A 176 -8.24 -5.06 -25.97
C PHE A 176 -6.76 -5.32 -25.95
N PRO A 177 -5.96 -4.56 -26.73
CA PRO A 177 -4.52 -4.80 -26.73
C PRO A 177 -3.98 -4.53 -25.37
N LYS A 178 -3.01 -5.33 -24.93
CA LYS A 178 -2.45 -5.14 -23.61
C LYS A 178 -0.97 -5.44 -23.52
N PRO A 179 -0.31 -4.85 -22.51
CA PRO A 179 1.05 -5.24 -22.19
C PRO A 179 1.02 -6.56 -21.44
N CYS A 180 2.10 -7.33 -21.57
CA CYS A 180 2.11 -8.66 -21.05
C CYS A 180 2.02 -8.65 -19.55
N TYR A 181 2.45 -7.59 -18.90
CA TYR A 181 2.30 -7.55 -17.44
C TYR A 181 0.87 -7.79 -16.99
N LEU A 182 -0.09 -7.54 -17.88
CA LEU A 182 -1.50 -7.76 -17.59
C LEU A 182 -2.02 -9.16 -17.94
N PHE A 183 -1.18 -10.03 -18.47
CA PHE A 183 -1.60 -11.38 -18.76
C PHE A 183 -1.81 -12.21 -17.51
N ALA A 184 -2.87 -12.99 -17.53
CA ALA A 184 -3.14 -13.92 -16.45
C ALA A 184 -3.61 -15.26 -16.95
N LEU A 185 -3.22 -16.30 -16.22
CA LEU A 185 -3.71 -17.66 -16.41
C LEU A 185 -3.90 -18.30 -15.03
N VAL A 186 -5.10 -18.84 -14.76
CA VAL A 186 -5.38 -19.63 -13.55
C VAL A 186 -5.89 -20.98 -14.00
N ALA A 187 -5.43 -22.04 -13.37
CA ALA A 187 -6.05 -23.36 -13.57
C ALA A 187 -6.20 -24.09 -12.22
N GLY A 188 -7.30 -24.79 -12.05
CA GLY A 188 -7.57 -25.50 -10.80
C GLY A 188 -9.04 -25.76 -10.51
N ASP A 189 -9.29 -26.22 -9.30
CA ASP A 189 -10.65 -26.51 -8.88
C ASP A 189 -11.12 -25.45 -7.89
N PHE A 190 -12.30 -24.90 -8.11
CA PHE A 190 -12.80 -23.83 -7.23
C PHE A 190 -14.30 -23.95 -6.96
N ASP A 191 -14.73 -23.38 -5.83
CA ASP A 191 -16.11 -22.99 -5.63
C ASP A 191 -16.19 -21.62 -6.35
N VAL A 192 -17.31 -21.31 -6.98
CA VAL A 192 -17.42 -20.08 -7.75
C VAL A 192 -18.63 -19.30 -7.31
N LEU A 193 -18.42 -18.09 -6.80
CA LEU A 193 -19.54 -17.23 -6.50
C LEU A 193 -19.83 -16.43 -7.74
N ARG A 194 -21.10 -16.48 -8.17
CA ARG A 194 -21.53 -15.90 -9.45
C ARG A 194 -22.65 -14.93 -9.24
N ASP A 195 -22.51 -13.73 -9.77
CA ASP A 195 -23.57 -12.72 -9.71
C ASP A 195 -23.43 -11.87 -10.96
N THR A 196 -24.25 -10.84 -11.13
CA THR A 196 -24.12 -9.93 -12.29
C THR A 196 -24.18 -8.47 -11.82
N PHE A 197 -23.71 -7.57 -12.67
CA PHE A 197 -23.86 -6.14 -12.46
C PHE A 197 -24.21 -5.49 -13.78
N THR A 198 -25.25 -4.67 -13.81
CA THR A 198 -25.60 -3.93 -15.03
C THR A 198 -25.02 -2.50 -14.99
N THR A 199 -24.35 -2.10 -16.06
CA THR A 199 -23.70 -0.78 -16.07
C THR A 199 -24.79 0.29 -16.24
N ARG A 200 -24.47 1.57 -15.98
CA ARG A 200 -25.47 2.62 -16.17
CA ARG A 200 -25.49 2.60 -16.14
C ARG A 200 -26.09 2.51 -17.55
N SER A 201 -25.26 2.18 -18.54
CA SER A 201 -25.70 2.18 -19.94
C SER A 201 -26.34 0.90 -20.41
N GLY A 202 -26.58 -0.08 -19.55
CA GLY A 202 -27.29 -1.31 -19.96
C GLY A 202 -26.47 -2.59 -20.17
N ARG A 203 -25.15 -2.49 -20.27
CA ARG A 203 -24.27 -3.66 -20.37
C ARG A 203 -24.36 -4.56 -19.14
N GLU A 204 -24.70 -5.84 -19.35
CA GLU A 204 -24.81 -6.83 -18.27
C GLU A 204 -23.50 -7.57 -18.14
N VAL A 205 -22.86 -7.44 -16.98
CA VAL A 205 -21.55 -8.02 -16.70
C VAL A 205 -21.64 -9.24 -15.76
N ALA A 206 -21.17 -10.37 -16.21
CA ALA A 206 -21.05 -11.55 -15.35
C ALA A 206 -19.91 -11.38 -14.36
N LEU A 207 -20.21 -11.61 -13.09
CA LEU A 207 -19.18 -11.55 -12.07
C LEU A 207 -18.95 -12.94 -11.52
N GLU A 208 -17.69 -13.33 -11.50
CA GLU A 208 -17.30 -14.66 -11.05
C GLU A 208 -16.14 -14.52 -10.08
N LEU A 209 -16.36 -15.05 -8.90
CA LEU A 209 -15.39 -14.96 -7.85
C LEU A 209 -15.00 -16.40 -7.50
N TYR A 210 -13.74 -16.75 -7.75
CA TYR A 210 -13.24 -18.12 -7.61
C TYR A 210 -12.45 -18.25 -6.32
N VAL A 211 -12.91 -19.11 -5.43
CA VAL A 211 -12.24 -19.34 -4.16
C VAL A 211 -11.98 -20.84 -4.00
N ASP A 212 -11.09 -21.22 -3.08
CA ASP A 212 -10.86 -22.64 -2.79
C ASP A 212 -12.14 -23.27 -2.32
N ARG A 213 -12.31 -24.55 -2.64
CA ARG A 213 -13.54 -25.27 -2.28
C ARG A 213 -13.79 -25.15 -0.80
N GLY A 214 -15.00 -24.76 -0.41
CA GLY A 214 -15.37 -24.66 0.99
C GLY A 214 -15.40 -23.25 1.54
N ASN A 215 -14.97 -22.30 0.73
CA ASN A 215 -14.90 -20.90 1.10
C ASN A 215 -15.97 -20.05 0.45
N LEU A 216 -17.03 -20.65 -0.04
CA LEU A 216 -18.06 -19.86 -0.69
C LEU A 216 -18.87 -19.01 0.29
N ASP A 217 -18.76 -19.31 1.58
CA ASP A 217 -19.42 -18.54 2.65
C ASP A 217 -18.67 -17.27 3.07
N ARG A 218 -17.39 -17.21 2.72
CA ARG A 218 -16.53 -16.07 2.99
C ARG A 218 -16.44 -15.10 1.78
N ALA A 219 -17.09 -15.43 0.68
CA ALA A 219 -16.99 -14.67 -0.57
C ALA A 219 -17.90 -13.43 -0.74
N PRO A 220 -19.14 -13.46 -0.21
CA PRO A 220 -20.11 -12.40 -0.49
C PRO A 220 -19.72 -10.96 -0.20
N TRP A 221 -18.87 -10.67 0.77
CA TRP A 221 -18.49 -9.26 0.98
C TRP A 221 -17.71 -8.68 -0.21
N ALA A 222 -16.57 -9.28 -0.51
CA ALA A 222 -15.82 -9.05 -1.76
C ALA A 222 -16.71 -8.83 -2.99
N MET A 223 -17.78 -9.61 -3.13
CA MET A 223 -18.69 -9.44 -4.27
C MET A 223 -19.44 -8.12 -4.18
N THR A 224 -20.14 -7.93 -3.08
CA THR A 224 -20.76 -6.66 -2.77
C THR A 224 -19.82 -5.48 -3.00
N SER A 225 -18.59 -5.65 -2.54
CA SER A 225 -17.57 -4.60 -2.66
C SER A 225 -17.24 -4.30 -4.11
N LEU A 226 -17.18 -5.34 -4.95
CA LEU A 226 -16.91 -5.19 -6.40
C LEU A 226 -18.04 -4.44 -7.03
N LYS A 227 -19.25 -4.85 -6.70
CA LYS A 227 -20.43 -4.19 -7.22
C LYS A 227 -20.44 -2.70 -6.80
N ASN A 228 -20.10 -2.42 -5.55
CA ASN A 228 -20.03 -1.07 -5.08
C ASN A 228 -18.95 -0.33 -5.80
N SER A 229 -17.82 -0.98 -6.03
CA SER A 229 -16.75 -0.31 -6.78
C SER A 229 -17.23 0.06 -8.19
N MET A 230 -17.88 -0.88 -8.84
CA MET A 230 -18.40 -0.60 -10.16
C MET A 230 -19.41 0.54 -10.17
N LYS A 231 -20.35 0.54 -9.23
CA LYS A 231 -21.26 1.67 -9.09
C LYS A 231 -20.51 2.99 -8.85
N TRP A 232 -19.62 3.01 -7.88
CA TRP A 232 -18.92 4.23 -7.55
C TRP A 232 -18.07 4.78 -8.70
N ASP A 233 -17.41 3.93 -9.48
CA ASP A 233 -16.57 4.47 -10.54
C ASP A 233 -17.45 5.14 -11.56
N GLU A 234 -18.63 4.56 -11.74
CA GLU A 234 -19.68 5.18 -12.55
C GLU A 234 -20.09 6.55 -12.00
N GLU A 235 -20.63 6.62 -10.78
CA GLU A 235 -21.07 7.90 -10.21
C GLU A 235 -20.03 9.02 -10.15
N ARG A 236 -18.80 8.68 -9.82
CA ARG A 236 -17.84 9.67 -9.50
C ARG A 236 -16.97 10.01 -10.69
N PHE A 237 -16.60 9.01 -11.49
CA PHE A 237 -15.70 9.26 -12.62
C PHE A 237 -16.34 9.07 -14.02
N GLY A 238 -17.56 8.53 -14.03
CA GLY A 238 -18.25 8.27 -15.27
C GLY A 238 -17.62 7.17 -16.06
N LEU A 239 -17.11 6.15 -15.38
CA LEU A 239 -16.39 5.12 -16.10
C LEU A 239 -17.14 3.83 -15.93
N GLU A 240 -17.14 3.01 -16.97
CA GLU A 240 -17.93 1.82 -17.00
C GLU A 240 -17.04 0.67 -17.37
N TYR A 241 -17.41 -0.51 -16.90
CA TYR A 241 -16.64 -1.71 -17.21
C TYR A 241 -16.83 -1.98 -18.68
N ASP A 242 -15.82 -2.53 -19.31
CA ASP A 242 -15.75 -2.56 -20.76
C ASP A 242 -15.81 -3.94 -21.39
N LEU A 243 -15.87 -4.99 -20.56
CA LEU A 243 -16.01 -6.35 -21.00
C LEU A 243 -17.31 -6.92 -20.46
N ASP A 244 -17.49 -8.20 -20.73
CA ASP A 244 -18.77 -8.89 -20.58
C ASP A 244 -18.78 -9.68 -19.28
N ILE A 245 -17.58 -9.82 -18.70
CA ILE A 245 -17.33 -10.76 -17.65
C ILE A 245 -16.15 -10.24 -16.82
N TYR A 246 -16.25 -10.47 -15.51
CA TYR A 246 -15.26 -10.00 -14.55
C TYR A 246 -14.92 -11.16 -13.61
N MET A 247 -13.70 -11.66 -13.68
CA MET A 247 -13.27 -12.77 -12.83
C MET A 247 -12.29 -12.33 -11.75
N ILE A 248 -12.41 -12.95 -10.59
CA ILE A 248 -11.45 -12.75 -9.51
C ILE A 248 -11.10 -14.10 -8.97
N VAL A 249 -9.82 -14.41 -8.86
CA VAL A 249 -9.39 -15.62 -8.22
C VAL A 249 -8.66 -15.28 -6.94
N ALA A 250 -9.16 -15.72 -5.80
CA ALA A 250 -8.42 -15.59 -4.55
C ALA A 250 -7.48 -16.77 -4.35
N VAL A 251 -6.16 -16.54 -4.33
CA VAL A 251 -5.21 -17.62 -4.03
C VAL A 251 -4.46 -17.33 -2.74
N ASP A 252 -3.92 -18.37 -2.11
CA ASP A 252 -3.24 -18.25 -0.81
C ASP A 252 -1.76 -17.90 -0.92
N PHE A 253 -1.12 -18.26 -2.03
CA PHE A 253 0.29 -18.05 -2.17
C PHE A 253 0.52 -16.92 -3.10
N PHE A 254 0.79 -15.74 -2.52
CA PHE A 254 0.95 -14.50 -3.28
C PHE A 254 1.88 -13.55 -2.56
N ASN A 255 2.76 -12.91 -3.29
CA ASN A 255 3.70 -12.04 -2.66
C ASN A 255 3.11 -10.73 -2.16
N ALA A 256 2.29 -10.09 -2.98
CA ALA A 256 1.68 -8.82 -2.58
C ALA A 256 0.18 -8.95 -2.30
N GLY A 257 -0.63 -8.02 -2.82
CA GLY A 257 -2.00 -7.85 -2.38
C GLY A 257 -2.97 -8.41 -3.37
N ALA A 258 -2.95 -7.83 -4.55
CA ALA A 258 -3.76 -8.28 -5.66
C ALA A 258 -3.15 -7.77 -6.97
N MET A 259 -3.75 -8.15 -8.09
CA MET A 259 -3.27 -7.80 -9.40
C MET A 259 -4.43 -7.56 -10.36
N GLU A 260 -4.33 -6.49 -11.14
CA GLU A 260 -5.39 -5.98 -12.02
C GLU A 260 -5.44 -6.62 -13.41
N ASN A 261 -4.98 -7.86 -13.55
CA ASN A 261 -5.02 -8.49 -14.88
C ASN A 261 -6.40 -8.27 -15.45
N LYS A 262 -6.45 -7.82 -16.70
CA LYS A 262 -7.72 -7.47 -17.36
C LYS A 262 -8.69 -8.61 -17.28
N GLY A 263 -9.79 -8.40 -16.56
CA GLY A 263 -10.91 -9.35 -16.55
C GLY A 263 -10.67 -10.60 -15.73
N LEU A 264 -9.46 -10.73 -15.19
CA LEU A 264 -9.07 -11.87 -14.38
C LEU A 264 -8.15 -11.39 -13.28
N ASN A 265 -8.72 -10.73 -12.28
CA ASN A 265 -7.91 -10.24 -11.18
C ASN A 265 -7.50 -11.47 -10.36
N ILE A 266 -6.22 -11.53 -9.99
CA ILE A 266 -5.77 -12.51 -9.00
C ILE A 266 -5.49 -11.77 -7.69
N PHE A 267 -6.11 -12.22 -6.59
CA PHE A 267 -5.94 -11.60 -5.27
C PHE A 267 -5.22 -12.52 -4.28
N ASN A 268 -4.44 -11.94 -3.39
CA ASN A 268 -4.05 -12.59 -2.17
C ASN A 268 -5.35 -12.87 -1.46
N SER A 269 -5.53 -14.09 -1.00
CA SER A 269 -6.80 -14.43 -0.41
C SER A 269 -7.08 -13.65 0.87
N LYS A 270 -6.08 -12.95 1.40
CA LYS A 270 -6.32 -12.09 2.57
C LYS A 270 -7.19 -10.88 2.25
N TYR A 271 -7.23 -10.45 1.00
CA TYR A 271 -8.06 -9.31 0.62
C TYR A 271 -9.27 -9.77 -0.16
N VAL A 272 -9.74 -10.98 0.11
CA VAL A 272 -11.01 -11.41 -0.45
C VAL A 272 -11.90 -12.02 0.62
N LEU A 273 -11.35 -12.91 1.43
CA LEU A 273 -12.17 -13.78 2.27
C LEU A 273 -12.50 -13.14 3.56
N ALA A 274 -13.77 -13.20 3.94
CA ALA A 274 -14.23 -12.65 5.22
C ALA A 274 -15.54 -13.24 5.73
N ARG A 275 -15.65 -13.29 7.04
CA ARG A 275 -16.80 -13.81 7.72
C ARG A 275 -16.73 -13.16 9.07
N THR A 276 -17.87 -12.91 9.71
CA THR A 276 -17.87 -12.06 10.91
C THR A 276 -17.02 -12.61 12.04
N ASP A 277 -16.79 -13.91 12.08
CA ASP A 277 -16.02 -14.44 13.20
C ASP A 277 -14.60 -14.86 12.82
N THR A 278 -14.21 -14.62 11.56
CA THR A 278 -12.81 -14.73 11.15
C THR A 278 -12.15 -13.40 10.78
N ALA A 279 -12.91 -12.41 10.37
CA ALA A 279 -12.30 -11.14 9.96
C ALA A 279 -12.80 -9.94 10.72
N THR A 280 -11.92 -8.94 10.82
CA THR A 280 -12.18 -7.70 11.57
C THR A 280 -12.74 -6.58 10.70
N ASP A 281 -13.27 -5.55 11.34
CA ASP A 281 -13.74 -4.36 10.61
C ASP A 281 -12.66 -3.89 9.68
N LYS A 282 -11.43 -3.86 10.15
CA LYS A 282 -10.33 -3.41 9.33
C LYS A 282 -10.21 -4.30 8.12
N ASP A 283 -10.27 -5.61 8.32
CA ASP A 283 -10.29 -6.54 7.18
C ASP A 283 -11.41 -6.24 6.14
N TYR A 284 -12.63 -6.12 6.61
CA TYR A 284 -13.74 -5.76 5.73
C TYR A 284 -13.39 -4.53 4.92
N LEU A 285 -12.98 -3.47 5.60
CA LEU A 285 -12.62 -2.23 4.94
C LEU A 285 -11.39 -2.34 4.03
N ASP A 286 -10.46 -3.21 4.36
CA ASP A 286 -9.33 -3.49 3.46
C ASP A 286 -9.79 -4.27 2.23
N ILE A 287 -10.66 -5.24 2.42
CA ILE A 287 -11.18 -5.97 1.26
C ILE A 287 -11.86 -4.93 0.35
N GLU A 288 -12.67 -4.08 0.97
CA GLU A 288 -13.36 -3.07 0.20
C GLU A 288 -12.36 -2.23 -0.58
N ARG A 289 -11.28 -1.79 0.08
CA ARG A 289 -10.26 -0.91 -0.50
C ARG A 289 -9.58 -1.55 -1.69
N VAL A 290 -9.10 -2.78 -1.51
CA VAL A 290 -8.31 -3.45 -2.53
C VAL A 290 -9.13 -3.95 -3.71
N ILE A 291 -10.33 -4.50 -3.46
CA ILE A 291 -11.22 -4.85 -4.57
C ILE A 291 -11.43 -3.63 -5.46
N GLY A 292 -11.79 -2.52 -4.80
CA GLY A 292 -11.93 -1.26 -5.47
C GLY A 292 -10.69 -0.87 -6.25
N HIS A 293 -9.54 -0.95 -5.57
CA HIS A 293 -8.25 -0.55 -6.14
C HIS A 293 -8.05 -1.27 -7.44
N GLU A 294 -8.17 -2.61 -7.44
CA GLU A 294 -7.90 -3.38 -8.66
C GLU A 294 -8.95 -3.14 -9.72
N TYR A 295 -10.17 -2.85 -9.30
CA TYR A 295 -11.16 -2.50 -10.26
C TYR A 295 -10.88 -1.15 -10.93
N PHE A 296 -10.47 -0.16 -10.16
CA PHE A 296 -10.24 1.16 -10.73
C PHE A 296 -9.05 1.12 -11.69
N HIS A 297 -8.17 0.16 -11.50
CA HIS A 297 -7.06 -0.02 -12.44
C HIS A 297 -7.52 -0.30 -13.87
N ASN A 298 -8.76 -0.77 -14.02
CA ASN A 298 -9.27 -1.10 -15.31
C ASN A 298 -9.19 0.06 -16.30
N TRP A 299 -9.30 1.29 -15.78
CA TRP A 299 -9.12 2.48 -16.63
C TRP A 299 -7.75 3.13 -16.43
N THR A 300 -7.42 3.39 -15.17
CA THR A 300 -6.16 4.00 -14.75
C THR A 300 -5.15 2.88 -14.52
N GLY A 301 -4.66 2.32 -15.63
CA GLY A 301 -3.62 1.31 -15.63
C GLY A 301 -3.78 0.40 -16.82
N ASN A 302 -5.02 0.04 -17.14
CA ASN A 302 -5.31 -0.95 -18.17
C ASN A 302 -5.74 -0.30 -19.51
N ARG A 303 -6.89 0.36 -19.56
CA ARG A 303 -7.26 1.16 -20.74
C ARG A 303 -6.20 2.22 -21.01
N VAL A 304 -5.57 2.76 -19.98
CA VAL A 304 -4.36 3.57 -20.23
C VAL A 304 -3.26 3.00 -19.38
N THR A 305 -2.18 2.56 -20.03
CA THR A 305 -1.13 1.88 -19.30
C THR A 305 0.16 2.72 -19.24
N CYS A 306 1.24 2.17 -18.70
CA CYS A 306 2.51 2.91 -18.49
C CYS A 306 3.50 2.73 -19.63
N ARG A 307 4.08 3.80 -20.13
CA ARG A 307 5.05 3.67 -21.21
C ARG A 307 6.25 2.83 -20.80
N ASP A 308 6.69 2.97 -19.56
CA ASP A 308 7.79 2.18 -19.04
C ASP A 308 7.57 2.14 -17.55
N TRP A 309 8.41 1.43 -16.83
CA TRP A 309 8.18 1.21 -15.41
C TRP A 309 8.48 2.40 -14.50
N PHE A 310 9.30 3.33 -14.98
CA PHE A 310 9.55 4.55 -14.22
C PHE A 310 8.25 5.32 -14.06
N GLN A 311 7.36 5.17 -15.03
CA GLN A 311 6.03 5.78 -14.96
C GLN A 311 5.04 4.99 -14.05
N LEU A 312 5.53 4.15 -13.15
CA LEU A 312 4.62 3.31 -12.37
C LEU A 312 3.57 4.13 -11.64
N SER A 313 3.98 5.29 -11.11
CA SER A 313 3.05 6.12 -10.31
C SER A 313 1.88 6.68 -11.12
N LEU A 314 2.10 6.89 -12.42
CA LEU A 314 1.00 7.25 -13.32
C LEU A 314 -0.25 6.43 -13.01
N LYS A 315 -0.08 5.11 -12.84
CA LYS A 315 -1.21 4.25 -12.48
C LYS A 315 -1.43 4.00 -10.96
N GLU A 316 -0.38 3.78 -10.19
CA GLU A 316 -0.54 3.53 -8.78
C GLU A 316 -0.86 4.79 -7.98
N GLY A 317 -0.26 5.89 -8.33
CA GLY A 317 -0.56 7.10 -7.61
C GLY A 317 -2.03 7.40 -7.80
N LEU A 318 -2.46 7.29 -9.06
CA LEU A 318 -3.80 7.73 -9.44
C LEU A 318 -4.83 6.76 -8.91
N THR A 319 -4.48 5.48 -8.98
CA THR A 319 -5.43 4.42 -8.63
C THR A 319 -5.63 4.37 -7.11
N VAL A 320 -4.55 4.59 -6.36
CA VAL A 320 -4.63 4.74 -4.89
C VAL A 320 -5.52 5.94 -4.52
N PHE A 321 -5.24 7.06 -5.14
CA PHE A 321 -6.07 8.21 -4.94
C PHE A 321 -7.52 7.79 -5.10
N ARG A 322 -7.80 6.99 -6.13
CA ARG A 322 -9.15 6.57 -6.40
C ARG A 322 -9.71 5.64 -5.33
N ASP A 323 -8.93 4.71 -4.80
CA ASP A 323 -9.43 3.87 -3.72
C ASP A 323 -9.67 4.67 -2.40
N GLN A 324 -9.00 5.80 -2.27
CA GLN A 324 -9.10 6.62 -1.09
C GLN A 324 -10.39 7.37 -1.18
N GLU A 325 -10.64 7.95 -2.35
CA GLU A 325 -11.89 8.64 -2.62
C GLU A 325 -13.12 7.71 -2.51
N PHE A 326 -12.95 6.48 -2.96
CA PHE A 326 -14.01 5.47 -2.91
C PHE A 326 -14.38 5.21 -1.45
N SER A 327 -13.38 4.79 -0.68
CA SER A 327 -13.58 4.57 0.76
C SER A 327 -14.11 5.77 1.51
N SER A 328 -13.62 6.94 1.13
CA SER A 328 -14.05 8.18 1.77
C SER A 328 -15.48 8.51 1.39
N ASP A 329 -15.87 8.26 0.14
CA ASP A 329 -17.25 8.53 -0.23
C ASP A 329 -18.17 7.63 0.57
N LEU A 330 -17.96 6.32 0.48
CA LEU A 330 -18.81 5.33 1.15
C LEU A 330 -18.69 5.31 2.67
N GLY A 331 -17.56 5.76 3.18
CA GLY A 331 -17.39 5.83 4.62
C GLY A 331 -17.21 7.24 5.13
N SER A 332 -16.57 7.29 6.28
CA SER A 332 -16.08 8.52 6.87
C SER A 332 -14.86 9.06 6.11
N ARG A 333 -15.01 10.22 5.47
CA ARG A 333 -13.88 10.84 4.79
C ARG A 333 -12.78 11.17 5.79
N ALA A 334 -13.14 11.58 7.00
CA ALA A 334 -12.11 12.04 7.96
C ALA A 334 -11.31 10.88 8.51
N VAL A 335 -11.99 9.81 8.86
CA VAL A 335 -11.27 8.67 9.38
C VAL A 335 -10.32 8.21 8.31
N ASN A 336 -10.82 8.19 7.09
CA ASN A 336 -9.98 7.83 5.96
C ASN A 336 -8.80 8.75 5.80
N ARG A 337 -9.07 10.05 5.76
CA ARG A 337 -7.99 11.04 5.67
C ARG A 337 -6.97 10.92 6.80
N ILE A 338 -7.46 10.80 8.02
CA ILE A 338 -6.60 10.62 9.20
C ILE A 338 -5.63 9.44 9.03
N ASN A 339 -6.16 8.26 8.72
CA ASN A 339 -5.32 7.07 8.55
C ASN A 339 -4.31 7.14 7.43
N ASN A 340 -4.69 7.82 6.35
CA ASN A 340 -3.82 7.98 5.23
C ASN A 340 -2.70 8.91 5.58
N VAL A 341 -2.98 9.86 6.44
CA VAL A 341 -1.93 10.76 6.90
C VAL A 341 -1.01 10.07 7.92
N ARG A 342 -1.59 9.31 8.87
CA ARG A 342 -0.77 8.46 9.72
CA ARG A 342 -0.79 8.44 9.73
C ARG A 342 0.28 7.73 8.91
N THR A 343 -0.13 7.21 7.75
CA THR A 343 0.74 6.39 6.93
C THR A 343 1.77 7.21 6.24
N MET A 344 1.36 8.36 5.72
CA MET A 344 2.30 9.26 5.08
C MET A 344 3.41 9.66 6.06
N ARG A 345 3.00 10.13 7.24
CA ARG A 345 3.93 10.63 8.20
C ARG A 345 4.69 9.51 8.88
N GLY A 346 4.03 8.40 9.10
CA GLY A 346 4.64 7.32 9.86
C GLY A 346 5.60 6.43 9.10
N LEU A 347 5.27 6.16 7.84
CA LEU A 347 6.03 5.19 7.06
C LEU A 347 6.71 5.79 5.85
N GLN A 348 6.00 6.62 5.09
CA GLN A 348 6.53 7.13 3.83
C GLN A 348 7.65 8.12 4.08
N PHE A 349 7.43 9.06 4.99
CA PHE A 349 8.47 10.00 5.41
C PHE A 349 9.77 9.28 5.76
N ALA A 350 9.65 8.18 6.50
CA ALA A 350 10.81 7.38 6.88
C ALA A 350 11.51 6.82 5.63
N GLU A 351 10.76 6.38 4.62
CA GLU A 351 11.34 5.89 3.36
C GLU A 351 12.05 6.99 2.56
N ASP A 352 11.47 8.19 2.59
CA ASP A 352 11.99 9.33 1.84
C ASP A 352 13.24 9.86 2.51
N ALA A 353 13.47 9.46 3.76
CA ALA A 353 14.72 9.75 4.44
C ALA A 353 15.76 8.64 4.24
N SER A 354 15.32 7.45 3.79
CA SER A 354 16.16 6.26 3.81
C SER A 354 17.10 6.25 2.59
N PRO A 355 18.07 5.35 2.57
CA PRO A 355 18.90 5.13 1.38
C PRO A 355 18.12 4.68 0.16
N MET A 356 16.90 4.21 0.35
CA MET A 356 16.05 3.87 -0.78
C MET A 356 15.24 5.03 -1.34
N ALA A 357 15.35 6.22 -0.74
CA ALA A 357 14.71 7.44 -1.22
C ALA A 357 14.78 7.56 -2.75
N HIS A 358 13.63 7.93 -3.33
CA HIS A 358 13.46 8.10 -4.76
C HIS A 358 12.24 8.95 -5.02
N PRO A 359 12.25 9.69 -6.15
CA PRO A 359 11.04 10.43 -6.49
C PRO A 359 9.95 9.47 -6.89
N ILE A 360 8.71 9.94 -6.89
CA ILE A 360 7.54 9.10 -7.25
C ILE A 360 7.71 8.60 -8.67
N ARG A 361 8.49 9.35 -9.43
CA ARG A 361 8.97 8.85 -10.70
C ARG A 361 10.48 8.66 -10.59
N PRO A 362 10.89 7.42 -10.39
CA PRO A 362 12.29 7.15 -10.22
C PRO A 362 13.13 7.42 -11.48
N ASP A 363 14.40 7.74 -11.31
CA ASP A 363 15.29 7.90 -12.44
C ASP A 363 16.20 6.72 -12.60
N MET A 364 16.33 5.91 -11.56
CA MET A 364 17.21 4.77 -11.59
C MET A 364 16.59 3.62 -10.80
N VAL A 365 16.65 2.44 -11.40
CA VAL A 365 16.08 1.22 -10.86
C VAL A 365 16.95 0.06 -11.28
N ILE A 366 17.27 -0.81 -10.34
CA ILE A 366 18.03 -2.00 -10.63
C ILE A 366 17.07 -3.17 -10.70
N GLU A 367 16.29 -3.40 -9.64
CA GLU A 367 15.21 -4.36 -9.72
C GLU A 367 13.90 -3.65 -9.42
N MET A 368 12.91 -3.82 -10.29
CA MET A 368 11.72 -2.99 -10.25
C MET A 368 10.67 -3.40 -9.20
N ASN A 369 10.70 -4.61 -8.63
CA ASN A 369 9.75 -4.82 -7.53
C ASN A 369 10.11 -3.96 -6.38
N ASN A 370 11.36 -3.52 -6.32
CA ASN A 370 11.75 -2.63 -5.24
C ASN A 370 11.14 -1.25 -5.27
N PHE A 371 10.38 -0.93 -6.31
CA PHE A 371 9.77 0.37 -6.42
C PHE A 371 8.24 0.30 -6.35
N TYR A 372 7.74 -0.77 -5.72
CA TYR A 372 6.33 -0.89 -5.39
C TYR A 372 6.16 -0.42 -3.97
N THR A 373 6.41 0.87 -3.79
CA THR A 373 6.81 1.43 -2.51
C THR A 373 5.78 2.38 -1.95
N LEU A 374 5.93 2.68 -0.66
CA LEU A 374 5.05 3.67 -0.01
C LEU A 374 5.08 5.00 -0.75
N THR A 375 6.24 5.32 -1.33
CA THR A 375 6.45 6.54 -2.10
C THR A 375 5.65 6.62 -3.41
N VAL A 376 5.81 5.60 -4.25
CA VAL A 376 5.16 5.56 -5.54
C VAL A 376 3.66 5.48 -5.34
N TYR A 377 3.24 4.67 -4.37
CA TYR A 377 1.81 4.47 -4.10
C TYR A 377 1.22 5.66 -3.35
N GLU A 378 1.59 5.82 -2.08
CA GLU A 378 0.94 6.79 -1.19
C GLU A 378 1.33 8.25 -1.42
N LYS A 379 2.62 8.54 -1.55
CA LYS A 379 3.02 9.91 -1.89
C LYS A 379 2.53 10.25 -3.31
N GLY A 380 2.61 9.28 -4.21
CA GLY A 380 2.10 9.46 -5.55
C GLY A 380 0.64 9.86 -5.51
N ALA A 381 -0.12 9.27 -4.59
CA ALA A 381 -1.53 9.65 -4.41
C ALA A 381 -1.68 11.05 -3.83
N GLU A 382 -0.85 11.41 -2.86
CA GLU A 382 -0.89 12.79 -2.34
C GLU A 382 -0.61 13.82 -3.44
N VAL A 383 0.28 13.44 -4.38
CA VAL A 383 0.61 14.31 -5.49
C VAL A 383 -0.63 14.45 -6.38
N ILE A 384 -1.31 13.34 -6.65
CA ILE A 384 -2.59 13.45 -7.36
C ILE A 384 -3.55 14.36 -6.61
N ARG A 385 -3.73 14.07 -5.32
CA ARG A 385 -4.60 14.87 -4.43
C ARG A 385 -4.32 16.39 -4.44
N MET A 386 -3.03 16.77 -4.54
CA MET A 386 -2.65 18.19 -4.68
C MET A 386 -3.10 18.80 -6.00
N ILE A 387 -2.94 18.06 -7.11
CA ILE A 387 -3.53 18.48 -8.38
C ILE A 387 -5.04 18.67 -8.19
N HIS A 388 -5.68 17.75 -7.51
CA HIS A 388 -7.10 17.84 -7.29
C HIS A 388 -7.41 19.07 -6.44
N THR A 389 -6.68 19.21 -5.35
CA THR A 389 -6.77 20.38 -4.50
C THR A 389 -6.62 21.66 -5.33
N LEU A 390 -5.62 21.72 -6.20
CA LEU A 390 -5.34 22.94 -6.98
C LEU A 390 -6.37 23.25 -8.08
N LEU A 391 -7.00 22.23 -8.65
CA LEU A 391 -7.93 22.39 -9.78
C LEU A 391 -9.38 22.38 -9.36
N GLY A 392 -9.66 21.77 -8.22
CA GLY A 392 -11.04 21.54 -7.78
C GLY A 392 -11.63 20.37 -8.51
N GLU A 393 -12.73 19.84 -8.00
CA GLU A 393 -13.36 18.62 -8.56
C GLU A 393 -13.79 18.73 -10.04
N GLU A 394 -14.43 19.83 -10.42
CA GLU A 394 -14.99 19.90 -11.76
C GLU A 394 -13.84 19.88 -12.77
N ASN A 395 -12.85 20.75 -12.59
CA ASN A 395 -11.70 20.74 -13.50
C ASN A 395 -10.89 19.47 -13.41
N PHE A 396 -10.83 18.88 -12.23
CA PHE A 396 -10.11 17.63 -12.09
C PHE A 396 -10.74 16.57 -12.97
N GLN A 397 -12.05 16.55 -13.05
CA GLN A 397 -12.77 15.59 -13.91
C GLN A 397 -12.60 15.89 -15.40
N LYS A 398 -12.52 17.16 -15.77
CA LYS A 398 -12.24 17.55 -17.15
C LYS A 398 -10.87 17.05 -17.61
N GLY A 399 -9.89 17.11 -16.71
CA GLY A 399 -8.57 16.56 -16.94
C GLY A 399 -8.61 15.05 -17.07
N MET A 400 -9.38 14.36 -16.22
CA MET A 400 -9.49 12.91 -16.35
C MET A 400 -10.04 12.60 -17.74
N GLN A 401 -11.15 13.26 -18.07
CA GLN A 401 -11.74 13.15 -19.39
C GLN A 401 -10.69 13.39 -20.50
N LEU A 402 -9.89 14.44 -20.42
CA LEU A 402 -8.92 14.68 -21.50
C LEU A 402 -7.87 13.58 -21.57
N TYR A 403 -7.45 13.10 -20.42
CA TYR A 403 -6.44 12.05 -20.34
C TYR A 403 -6.91 10.80 -21.11
N PHE A 404 -8.15 10.39 -20.90
CA PHE A 404 -8.61 9.17 -21.55
C PHE A 404 -8.82 9.46 -23.02
N GLU A 405 -9.41 10.60 -23.33
CA GLU A 405 -9.64 10.94 -24.71
C GLU A 405 -8.31 10.91 -25.45
N ARG A 406 -7.28 11.49 -24.85
CA ARG A 406 -6.00 11.49 -25.49
C ARG A 406 -5.30 10.16 -25.52
N HIS A 407 -5.46 9.30 -24.50
CA HIS A 407 -4.52 8.19 -24.35
C HIS A 407 -5.12 6.79 -24.21
N ASP A 408 -6.44 6.72 -24.28
CA ASP A 408 -7.14 5.46 -24.21
C ASP A 408 -6.58 4.52 -25.27
N GLY A 409 -6.16 3.33 -24.87
CA GLY A 409 -5.64 2.36 -25.81
C GLY A 409 -4.14 2.39 -25.95
N SER A 410 -3.46 3.28 -25.24
CA SER A 410 -2.03 3.33 -25.37
C SER A 410 -1.35 3.40 -24.02
N ALA A 411 -0.03 3.45 -24.07
CA ALA A 411 0.80 3.71 -22.90
C ALA A 411 1.25 5.18 -22.83
N ALA A 412 1.36 5.68 -21.60
CA ALA A 412 1.58 7.08 -21.37
C ALA A 412 2.58 7.31 -20.25
N THR A 413 2.88 8.57 -19.99
CA THR A 413 3.90 8.91 -19.02
C THR A 413 3.21 9.76 -17.97
N CYS A 414 3.83 9.86 -16.80
CA CYS A 414 3.37 10.78 -15.76
C CYS A 414 3.16 12.19 -16.38
N ASP A 415 4.13 12.64 -17.18
CA ASP A 415 4.01 13.95 -17.77
C ASP A 415 2.77 14.11 -18.65
N ASP A 416 2.41 13.08 -19.42
CA ASP A 416 1.19 13.10 -20.27
C ASP A 416 -0.04 13.38 -19.42
N PHE A 417 -0.04 12.83 -18.22
CA PHE A 417 -1.17 12.97 -17.33
C PHE A 417 -1.24 14.37 -16.81
N VAL A 418 -0.10 14.91 -16.41
CA VAL A 418 -0.09 16.26 -15.87
C VAL A 418 -0.50 17.24 -16.97
N GLN A 419 -0.06 16.96 -18.17
CA GLN A 419 -0.40 17.86 -19.24
C GLN A 419 -1.88 17.86 -19.56
N ALA A 420 -2.50 16.69 -19.43
CA ALA A 420 -3.92 16.59 -19.66
C ALA A 420 -4.72 17.37 -18.58
N MET A 421 -4.27 17.31 -17.34
CA MET A 421 -4.89 18.09 -16.28
C MET A 421 -4.70 19.59 -16.46
N GLU A 422 -3.52 20.00 -16.90
CA GLU A 422 -3.18 21.40 -17.15
C GLU A 422 -4.03 21.96 -18.30
N ASP A 423 -4.04 21.23 -19.42
CA ASP A 423 -4.75 21.68 -20.63
C ASP A 423 -6.25 21.76 -20.43
N ALA A 424 -6.83 20.76 -19.77
CA ALA A 424 -8.25 20.76 -19.50
C ALA A 424 -8.68 21.80 -18.46
N SER A 425 -7.82 22.12 -17.50
CA SER A 425 -8.19 23.06 -16.41
C SER A 425 -7.77 24.53 -16.66
N ASN A 426 -6.72 24.70 -17.44
CA ASN A 426 -6.03 25.98 -17.59
C ASN A 426 -5.36 26.47 -16.30
N VAL A 427 -5.14 25.58 -15.33
CA VAL A 427 -4.19 25.84 -14.24
C VAL A 427 -2.81 25.41 -14.71
N ASP A 428 -1.82 26.29 -14.54
CA ASP A 428 -0.44 26.02 -14.93
C ASP A 428 0.29 25.12 -13.93
N LEU A 429 0.83 23.99 -14.39
CA LEU A 429 1.46 23.05 -13.49
C LEU A 429 2.89 22.74 -13.92
N SER A 430 3.59 23.70 -14.54
CA SER A 430 5.01 23.46 -14.93
C SER A 430 5.87 23.31 -13.71
N HIS A 431 5.61 24.14 -12.71
CA HIS A 431 6.38 24.08 -11.51
C HIS A 431 5.99 22.84 -10.75
N PHE A 432 4.69 22.60 -10.64
CA PHE A 432 4.14 21.44 -9.94
C PHE A 432 4.72 20.09 -10.39
N ARG A 433 5.15 20.00 -11.65
CA ARG A 433 5.88 18.85 -12.15
C ARG A 433 7.13 18.46 -11.34
N ARG A 434 7.70 19.39 -10.58
CA ARG A 434 8.91 19.07 -9.82
C ARG A 434 8.63 17.97 -8.76
N TRP A 435 7.38 17.89 -8.29
CA TRP A 435 7.01 16.78 -7.40
C TRP A 435 7.29 15.38 -8.00
N TYR A 436 7.29 15.25 -9.31
CA TYR A 436 7.52 13.94 -9.96
C TYR A 436 8.98 13.59 -9.98
N SER A 437 9.85 14.60 -9.96
CA SER A 437 11.28 14.33 -10.13
C SER A 437 12.11 14.63 -8.89
N GLN A 438 11.49 14.97 -7.75
CA GLN A 438 12.28 15.26 -6.55
C GLN A 438 11.86 14.46 -5.36
N SER A 439 12.83 13.78 -4.79
CA SER A 439 12.68 12.94 -3.63
C SER A 439 12.80 13.79 -2.36
N GLY A 440 12.54 13.17 -1.22
CA GLY A 440 12.59 13.83 0.09
C GLY A 440 11.31 14.55 0.44
N THR A 441 11.11 14.75 1.75
CA THR A 441 9.94 15.41 2.31
C THR A 441 10.27 16.87 2.57
N PRO A 442 9.57 17.80 1.90
CA PRO A 442 9.84 19.21 2.20
C PRO A 442 9.41 19.58 3.62
N ILE A 443 10.14 20.53 4.18
CA ILE A 443 9.83 21.06 5.46
C ILE A 443 9.32 22.50 5.26
N VAL A 444 8.16 22.79 5.81
CA VAL A 444 7.59 24.11 5.69
C VAL A 444 7.57 24.78 7.07
N THR A 445 8.32 25.86 7.19
CA THR A 445 8.35 26.68 8.38
C THR A 445 7.39 27.85 8.23
N VAL A 446 6.55 28.03 9.24
CA VAL A 446 5.62 29.12 9.21
C VAL A 446 5.87 30.06 10.40
N LYS A 447 5.90 31.35 10.12
CA LYS A 447 5.97 32.38 11.13
C LYS A 447 4.79 33.36 10.98
N ASP A 448 4.29 33.89 12.09
CA ASP A 448 3.17 34.80 12.00
C ASP A 448 3.32 36.02 12.91
N ASP A 449 2.68 37.09 12.47
CA ASP A 449 2.52 38.30 13.26
C ASP A 449 1.08 38.84 13.09
N TYR A 450 0.40 39.08 14.21
CA TYR A 450 -0.78 39.95 14.20
C TYR A 450 -0.39 41.38 14.54
N ASN A 451 -0.95 42.30 13.77
CA ASN A 451 -0.84 43.72 14.01
C ASN A 451 -2.22 44.36 14.26
N PRO A 452 -2.51 44.76 15.53
CA PRO A 452 -3.86 45.25 15.86
C PRO A 452 -4.21 46.63 15.31
N GLU A 453 -3.19 47.45 15.05
CA GLU A 453 -3.37 48.78 14.42
C GLU A 453 -4.03 48.70 13.07
N THR A 454 -3.53 47.77 12.26
CA THR A 454 -3.94 47.59 10.88
C THR A 454 -4.94 46.45 10.70
N GLU A 455 -5.25 45.74 11.79
CA GLU A 455 -6.03 44.51 11.73
C GLU A 455 -5.53 43.58 10.62
N GLN A 456 -4.22 43.36 10.60
CA GLN A 456 -3.55 42.49 9.62
C GLN A 456 -2.75 41.31 10.18
N TYR A 457 -2.94 40.16 9.56
CA TYR A 457 -2.19 38.95 9.93
C TYR A 457 -1.17 38.72 8.87
N THR A 458 0.02 38.28 9.24
CA THR A 458 1.07 38.07 8.26
C THR A 458 1.67 36.70 8.42
N LEU A 459 1.67 35.91 7.34
CA LEU A 459 2.33 34.62 7.35
C LEU A 459 3.60 34.69 6.59
N THR A 460 4.69 34.23 7.19
CA THR A 460 5.94 34.08 6.47
C THR A 460 6.28 32.61 6.36
N ILE A 461 6.04 32.08 5.17
CA ILE A 461 6.18 30.67 4.92
C ILE A 461 7.46 30.48 4.14
N SER A 462 8.31 29.60 4.63
CA SER A 462 9.52 29.27 3.92
C SER A 462 9.61 27.76 3.81
N GLN A 463 10.29 27.27 2.77
CA GLN A 463 10.40 25.84 2.51
C GLN A 463 11.83 25.44 2.20
N ARG A 464 12.20 24.25 2.64
CA ARG A 464 13.45 23.61 2.18
C ARG A 464 13.23 22.12 2.07
N THR A 465 13.82 21.49 1.06
CA THR A 465 13.96 20.03 1.08
C THR A 465 15.42 19.72 1.37
N PRO A 466 15.69 18.99 2.47
CA PRO A 466 17.06 18.63 2.73
C PRO A 466 17.51 17.64 1.68
N ALA A 467 18.81 17.62 1.37
CA ALA A 467 19.39 16.63 0.45
C ALA A 467 19.04 15.20 0.86
N THR A 468 18.94 14.31 -0.13
CA THR A 468 18.74 12.88 0.11
C THR A 468 19.91 12.08 -0.38
N PRO A 469 19.95 10.80 0.00
CA PRO A 469 20.99 9.94 -0.49
C PRO A 469 21.00 9.91 -2.01
N ASP A 470 19.83 9.95 -2.66
CA ASP A 470 19.79 9.86 -4.13
C ASP A 470 20.02 11.17 -4.93
N GLN A 471 19.84 12.32 -4.27
CA GLN A 471 19.89 13.66 -4.89
C GLN A 471 20.57 14.72 -3.99
N ALA A 472 21.64 15.30 -4.50
CA ALA A 472 22.32 16.40 -3.84
C ALA A 472 21.66 17.76 -4.12
N GLU A 473 20.91 17.90 -5.23
CA GLU A 473 20.18 19.14 -5.51
C GLU A 473 18.70 19.05 -5.14
N LYS A 474 18.22 20.05 -4.44
CA LYS A 474 16.81 20.20 -4.20
C LYS A 474 16.44 21.60 -4.54
N GLN A 475 15.15 21.81 -4.80
CA GLN A 475 14.65 23.11 -5.21
C GLN A 475 13.22 23.28 -4.72
N PRO A 476 12.73 24.55 -4.62
CA PRO A 476 11.41 24.79 -4.07
C PRO A 476 10.34 24.17 -4.93
N LEU A 477 9.34 23.61 -4.26
CA LEU A 477 8.23 22.94 -4.91
C LEU A 477 7.04 23.88 -4.97
N HIS A 478 6.08 23.58 -5.83
CA HIS A 478 4.81 24.29 -5.78
C HIS A 478 3.90 23.66 -4.71
N ILE A 479 3.80 24.31 -3.55
CA ILE A 479 3.19 23.69 -2.39
C ILE A 479 1.84 24.28 -2.12
N PRO A 480 0.78 23.51 -2.37
CA PRO A 480 -0.53 24.02 -2.01
C PRO A 480 -0.78 23.91 -0.52
N PHE A 481 -0.94 25.08 0.11
CA PHE A 481 -0.92 25.25 1.55
C PHE A 481 -2.25 25.81 2.09
N ALA A 482 -3.14 24.94 2.54
CA ALA A 482 -4.47 25.43 2.97
C ALA A 482 -4.44 25.96 4.39
N ILE A 483 -5.14 27.07 4.62
CA ILE A 483 -5.35 27.58 5.99
C ILE A 483 -6.77 28.02 6.28
N GLU A 484 -7.13 27.97 7.56
CA GLU A 484 -8.28 28.68 8.13
C GLU A 484 -7.82 29.51 9.32
N LEU A 485 -8.37 30.69 9.50
CA LEU A 485 -8.08 31.49 10.68
C LEU A 485 -9.31 31.55 11.56
N TYR A 486 -9.16 31.17 12.82
CA TYR A 486 -10.27 31.21 13.77
C TYR A 486 -10.15 32.40 14.69
N ASP A 487 -11.29 32.99 15.01
CA ASP A 487 -11.32 34.06 15.98
C ASP A 487 -11.53 33.40 17.35
N ASN A 488 -11.59 34.21 18.40
CA ASN A 488 -11.71 33.68 19.78
C ASN A 488 -13.04 33.03 20.16
N GLU A 489 -14.06 33.25 19.36
CA GLU A 489 -15.33 32.61 19.54
C GLU A 489 -15.34 31.21 18.88
N GLY A 490 -14.34 30.92 18.06
CA GLY A 490 -14.32 29.69 17.27
C GLY A 490 -14.83 29.87 15.85
N LYS A 491 -15.32 31.06 15.52
CA LYS A 491 -15.76 31.39 14.16
C LYS A 491 -14.56 31.55 13.23
N VAL A 492 -14.84 31.52 11.94
CA VAL A 492 -13.80 31.56 10.93
C VAL A 492 -13.68 32.98 10.42
N ILE A 493 -12.46 33.50 10.37
CA ILE A 493 -12.26 34.84 9.86
C ILE A 493 -12.17 34.76 8.32
N PRO A 494 -13.05 35.49 7.60
CA PRO A 494 -12.94 35.45 6.14
C PRO A 494 -11.59 36.00 5.72
N LEU A 495 -10.87 35.26 4.91
CA LEU A 495 -9.58 35.72 4.42
C LEU A 495 -9.79 36.78 3.36
N GLN A 496 -9.06 37.87 3.45
CA GLN A 496 -9.05 38.82 2.36
C GLN A 496 -7.82 39.65 2.26
N LYS A 497 -7.68 40.39 1.17
CA LYS A 497 -6.63 41.36 1.07
C LYS A 497 -7.19 42.48 0.22
N GLY A 498 -6.97 43.72 0.65
CA GLY A 498 -7.42 44.90 -0.10
C GLY A 498 -8.85 44.87 -0.59
N GLY A 499 -9.76 44.35 0.21
CA GLY A 499 -11.17 44.33 -0.14
C GLY A 499 -11.69 43.05 -0.79
N HIS A 500 -10.89 42.42 -1.63
CA HIS A 500 -11.35 41.24 -2.38
C HIS A 500 -10.91 39.91 -1.72
N PRO A 501 -11.80 38.88 -1.65
CA PRO A 501 -11.49 37.60 -1.00
C PRO A 501 -10.25 36.94 -1.50
N VAL A 502 -9.70 36.04 -0.71
CA VAL A 502 -8.50 35.32 -1.06
C VAL A 502 -8.78 33.83 -0.89
N ASN A 503 -8.43 33.07 -1.91
CA ASN A 503 -8.57 31.62 -1.86
C ASN A 503 -7.71 31.12 -0.72
N SER A 504 -8.28 30.29 0.12
CA SER A 504 -7.63 29.86 1.37
C SER A 504 -6.55 28.79 1.17
N VAL A 505 -6.28 28.42 -0.08
CA VAL A 505 -5.19 27.52 -0.43
C VAL A 505 -4.07 28.34 -0.98
N LEU A 506 -3.02 28.52 -0.22
CA LEU A 506 -1.99 29.44 -0.63
C LEU A 506 -1.06 28.76 -1.58
N ASN A 507 -0.59 29.47 -2.62
CA ASN A 507 0.44 28.91 -3.52
C ASN A 507 1.83 29.22 -3.01
N VAL A 508 2.38 28.30 -2.22
CA VAL A 508 3.71 28.47 -1.69
C VAL A 508 4.67 27.97 -2.76
N THR A 509 5.22 28.87 -3.56
CA THR A 509 6.08 28.47 -4.68
C THR A 509 7.58 28.85 -4.59
N GLN A 510 7.99 29.43 -3.48
CA GLN A 510 9.33 29.98 -3.30
C GLN A 510 10.01 29.49 -2.03
N ALA A 511 11.32 29.68 -1.93
CA ALA A 511 12.05 29.34 -0.70
C ALA A 511 11.48 30.11 0.47
N GLU A 512 11.11 31.35 0.23
CA GLU A 512 10.55 32.15 1.27
C GLU A 512 9.61 33.18 0.68
N GLN A 513 8.47 33.38 1.33
CA GLN A 513 7.46 34.34 0.91
C GLN A 513 6.53 34.72 2.04
N THR A 514 5.78 35.80 1.84
CA THR A 514 4.94 36.37 2.86
C THR A 514 3.54 36.56 2.35
N PHE A 515 2.55 36.31 3.20
CA PHE A 515 1.17 36.66 2.89
C PHE A 515 0.54 37.55 3.94
N VAL A 516 -0.11 38.62 3.48
CA VAL A 516 -0.84 39.51 4.34
C VAL A 516 -2.33 39.34 4.16
N PHE A 517 -3.04 39.42 5.27
CA PHE A 517 -4.48 39.32 5.30
C PHE A 517 -5.03 40.52 6.04
N ASP A 518 -5.98 41.21 5.39
CA ASP A 518 -6.66 42.40 5.90
C ASP A 518 -7.90 41.95 6.65
N ASN A 519 -8.44 42.87 7.45
CA ASN A 519 -9.69 42.65 8.17
C ASN A 519 -9.70 41.43 9.08
N VAL A 520 -8.53 41.15 9.64
CA VAL A 520 -8.40 40.11 10.63
C VAL A 520 -8.72 40.87 11.89
N TYR A 521 -9.92 40.62 12.41
CA TYR A 521 -10.51 41.52 13.39
C TYR A 521 -10.17 41.08 14.81
N PHE A 522 -9.35 40.05 14.95
CA PHE A 522 -9.04 39.55 16.27
C PHE A 522 -7.82 38.67 16.10
N GLN A 523 -6.95 38.63 17.09
CA GLN A 523 -5.74 37.82 16.92
C GLN A 523 -6.13 36.35 16.67
N PRO A 524 -5.72 35.78 15.52
CA PRO A 524 -6.31 34.51 15.17
C PRO A 524 -5.49 33.32 15.64
N VAL A 525 -6.17 32.21 15.95
CA VAL A 525 -5.52 30.89 16.02
C VAL A 525 -5.62 30.28 14.63
N PRO A 526 -4.47 29.99 13.99
CA PRO A 526 -4.56 29.44 12.63
C PRO A 526 -4.67 27.92 12.62
N ALA A 527 -5.43 27.40 11.67
CA ALA A 527 -5.32 26.01 11.26
C ALA A 527 -4.41 25.98 10.04
N LEU A 528 -3.26 25.34 10.15
CA LEU A 528 -2.27 25.30 9.08
C LEU A 528 -2.27 23.93 8.43
N LEU A 529 -1.83 23.90 7.18
CA LEU A 529 -1.76 22.70 6.37
C LEU A 529 -3.04 21.86 6.43
N CYS A 530 -4.19 22.50 6.28
CA CYS A 530 -5.47 21.85 6.48
C CYS A 530 -5.61 20.63 5.62
N GLU A 531 -6.18 19.57 6.18
CA GLU A 531 -6.38 18.34 5.45
C GLU A 531 -5.09 17.71 4.95
N PHE A 532 -3.96 18.14 5.50
CA PHE A 532 -2.66 17.72 5.01
C PHE A 532 -2.50 18.08 3.51
N SER A 533 -2.71 19.36 3.21
CA SER A 533 -2.89 19.80 1.84
C SER A 533 -1.68 19.56 0.94
N ALA A 534 -0.51 19.36 1.53
CA ALA A 534 0.67 18.90 0.79
C ALA A 534 1.44 17.92 1.69
N PRO A 535 2.19 16.99 1.11
CA PRO A 535 2.92 15.99 1.91
C PRO A 535 4.24 16.53 2.41
N VAL A 536 4.14 17.37 3.44
CA VAL A 536 5.32 18.04 4.02
C VAL A 536 5.32 17.95 5.53
N LYS A 537 6.48 18.18 6.12
CA LYS A 537 6.61 18.40 7.55
C LYS A 537 6.39 19.87 7.81
N LEU A 538 5.46 20.19 8.70
CA LEU A 538 5.17 21.57 9.08
C LEU A 538 5.94 22.01 10.31
N GLU A 539 6.62 23.14 10.27
CA GLU A 539 7.26 23.69 11.49
C GLU A 539 6.60 24.99 11.86
N TYR A 540 5.86 24.94 12.95
CA TYR A 540 5.24 26.12 13.46
C TYR A 540 5.14 25.98 14.96
N LYS A 541 5.51 27.06 15.65
CA LYS A 541 5.55 27.06 17.09
C LYS A 541 4.16 27.24 17.73
N TRP A 542 3.45 26.14 17.82
CA TRP A 542 2.17 26.07 18.50
C TRP A 542 2.34 26.29 19.98
N SER A 543 1.30 26.81 20.63
CA SER A 543 1.17 26.73 22.08
C SER A 543 0.09 25.66 22.37
N ASP A 544 0.19 24.99 23.52
CA ASP A 544 -0.80 23.97 23.91
C ASP A 544 -2.23 24.51 23.78
N GLN A 545 -2.43 25.77 24.16
CA GLN A 545 -3.75 26.40 24.20
C GLN A 545 -4.26 26.64 22.77
N GLN A 546 -3.37 27.03 21.86
CA GLN A 546 -3.75 27.08 20.45
C GLN A 546 -4.23 25.72 19.99
N LEU A 547 -3.47 24.68 20.31
CA LEU A 547 -3.83 23.34 19.90
C LEU A 547 -5.11 22.88 20.59
N THR A 548 -5.25 23.07 21.90
CA THR A 548 -6.51 22.65 22.53
C THR A 548 -7.70 23.40 21.96
N PHE A 549 -7.49 24.68 21.69
CA PHE A 549 -8.53 25.48 21.09
C PHE A 549 -9.04 24.80 19.80
N LEU A 550 -8.11 24.47 18.89
CA LEU A 550 -8.43 23.81 17.64
C LEU A 550 -9.11 22.45 17.81
N MET A 551 -8.77 21.71 18.86
CA MET A 551 -9.44 20.44 19.14
C MET A 551 -10.93 20.65 19.45
N ARG A 552 -11.25 21.74 20.18
CA ARG A 552 -12.62 22.11 20.46
C ARG A 552 -13.32 22.70 19.24
N HIS A 553 -12.65 23.50 18.41
CA HIS A 553 -13.37 24.38 17.49
C HIS A 553 -13.17 24.22 16.00
N ALA A 554 -12.13 23.57 15.54
CA ALA A 554 -11.86 23.56 14.10
C ALA A 554 -13.01 22.95 13.32
N ARG A 555 -13.29 23.49 12.13
CA ARG A 555 -14.43 23.02 11.30
C ARG A 555 -14.27 21.59 10.85
N ASN A 556 -13.10 21.30 10.30
CA ASN A 556 -12.74 19.98 9.82
C ASN A 556 -12.25 19.07 10.92
N ASP A 557 -12.90 17.94 11.09
CA ASP A 557 -12.45 16.89 12.01
C ASP A 557 -10.99 16.53 11.85
N PHE A 558 -10.48 16.53 10.62
CA PHE A 558 -9.08 16.22 10.45
C PHE A 558 -8.17 17.15 11.30
N SER A 559 -8.48 18.44 11.26
CA SER A 559 -7.66 19.44 11.93
C SER A 559 -7.77 19.32 13.45
N ARG A 560 -8.88 18.78 13.93
CA ARG A 560 -9.04 18.48 15.36
C ARG A 560 -8.14 17.34 15.78
N TRP A 561 -8.19 16.25 15.04
CA TRP A 561 -7.34 15.13 15.32
C TRP A 561 -5.91 15.59 15.26
N ASP A 562 -5.63 16.37 14.24
CA ASP A 562 -4.26 16.70 13.94
C ASP A 562 -3.67 17.62 14.99
N ALA A 563 -4.50 18.52 15.49
CA ALA A 563 -4.10 19.39 16.57
C ALA A 563 -3.68 18.53 17.76
N ALA A 564 -4.48 17.51 18.02
CA ALA A 564 -4.19 16.61 19.10
C ALA A 564 -2.86 15.91 18.90
N GLN A 565 -2.47 15.69 17.65
CA GLN A 565 -1.22 14.97 17.39
C GLN A 565 -0.01 15.86 17.60
N SER A 566 -0.16 17.13 17.25
CA SER A 566 0.84 18.11 17.57
C SER A 566 0.96 18.30 19.10
N LEU A 567 -0.17 18.29 19.80
CA LEU A 567 -0.18 18.50 21.26
C LEU A 567 0.63 17.39 21.91
N LEU A 568 0.31 16.17 21.54
CA LEU A 568 1.01 14.98 21.99
C LEU A 568 2.45 14.90 21.58
N ALA A 569 2.74 15.25 20.32
CA ALA A 569 4.11 15.20 19.78
C ALA A 569 5.11 15.80 20.76
N THR A 570 4.78 16.99 21.28
CA THR A 570 5.67 17.68 22.20
C THR A 570 5.98 16.80 23.40
N TYR A 571 4.94 16.25 24.02
CA TYR A 571 5.08 15.49 25.27
C TYR A 571 5.64 14.08 25.06
N ILE A 572 5.63 13.61 23.82
CA ILE A 572 6.33 12.40 23.48
C ILE A 572 7.82 12.70 23.50
N LYS A 573 8.24 13.78 22.88
CA LYS A 573 9.66 14.08 22.81
C LYS A 573 10.25 14.42 24.17
N LEU A 574 9.42 14.99 25.04
CA LEU A 574 9.83 15.32 26.40
C LEU A 574 10.14 14.02 27.09
N ASN A 575 9.18 13.11 27.05
CA ASN A 575 9.31 11.84 27.76
C ASN A 575 10.27 10.82 27.20
N VAL A 576 10.59 10.86 25.92
CA VAL A 576 11.69 10.05 25.45
C VAL A 576 12.99 10.54 26.07
N ALA A 577 13.17 11.85 26.11
CA ALA A 577 14.39 12.41 26.68
C ALA A 577 14.48 12.03 28.18
N ARG A 578 13.34 12.04 28.84
CA ARG A 578 13.24 11.68 30.23
C ARG A 578 13.57 10.23 30.44
N HIS A 579 12.99 9.39 29.60
CA HIS A 579 13.21 7.98 29.73
C HIS A 579 14.70 7.68 29.59
N GLN A 580 15.37 8.40 28.70
CA GLN A 580 16.82 8.28 28.57
C GLN A 580 17.63 8.66 29.80
N GLN A 581 17.12 9.61 30.58
CA GLN A 581 17.72 10.01 31.87
C GLN A 581 17.26 9.13 33.08
N GLY A 582 16.40 8.14 32.87
CA GLY A 582 15.84 7.36 33.99
C GLY A 582 14.70 7.99 34.79
N GLN A 583 13.95 8.87 34.12
CA GLN A 583 12.91 9.61 34.79
C GLN A 583 11.54 9.14 34.37
N PRO A 584 10.55 9.18 35.28
CA PRO A 584 9.21 8.74 34.92
C PRO A 584 8.55 9.73 34.01
N LEU A 585 7.42 9.32 33.43
CA LEU A 585 6.59 10.19 32.62
C LEU A 585 6.19 11.47 33.37
N SER A 586 6.22 12.60 32.69
CA SER A 586 5.66 13.84 33.19
C SER A 586 4.70 14.33 32.14
N LEU A 587 3.57 14.87 32.59
CA LEU A 587 2.53 15.29 31.66
C LEU A 587 1.66 16.33 32.31
N PRO A 588 1.58 17.54 31.73
CA PRO A 588 0.74 18.57 32.31
C PRO A 588 -0.72 18.21 32.41
N VAL A 589 -1.36 18.68 33.47
CA VAL A 589 -2.76 18.37 33.71
C VAL A 589 -3.66 18.76 32.51
N HIS A 590 -3.39 19.91 31.89
CA HIS A 590 -4.23 20.37 30.77
C HIS A 590 -4.12 19.50 29.54
N VAL A 591 -3.00 18.83 29.37
CA VAL A 591 -2.91 17.84 28.31
C VAL A 591 -3.89 16.68 28.61
N ALA A 592 -3.83 16.09 29.79
CA ALA A 592 -4.81 15.06 30.12
C ALA A 592 -6.23 15.60 30.04
N ASP A 593 -6.43 16.85 30.39
CA ASP A 593 -7.76 17.45 30.35
C ASP A 593 -8.36 17.51 28.96
N ALA A 594 -7.53 17.84 27.96
CA ALA A 594 -7.97 17.84 26.56
C ALA A 594 -8.59 16.50 26.12
N PHE A 595 -7.93 15.40 26.46
CA PHE A 595 -8.43 14.08 26.12
C PHE A 595 -9.65 13.67 26.93
N ARG A 596 -9.75 14.17 28.16
CA ARG A 596 -10.97 13.94 28.95
C ARG A 596 -12.16 14.60 28.25
N ALA A 597 -11.93 15.79 27.70
CA ALA A 597 -12.96 16.55 27.01
C ALA A 597 -13.53 15.79 25.81
N VAL A 598 -12.66 15.09 25.07
CA VAL A 598 -13.05 14.31 23.91
C VAL A 598 -13.91 13.11 24.32
N LEU A 599 -13.57 12.47 25.43
CA LEU A 599 -14.34 11.35 25.94
C LEU A 599 -15.74 11.74 26.40
N LEU A 600 -15.89 12.92 26.96
CA LEU A 600 -17.21 13.35 27.41
C LEU A 600 -17.93 14.30 26.47
N ASP A 601 -17.37 14.62 25.29
CA ASP A 601 -18.12 15.43 24.34
C ASP A 601 -19.23 14.57 23.69
N GLU A 602 -20.49 14.77 24.14
CA GLU A 602 -21.69 14.01 23.66
C GLU A 602 -21.90 14.14 22.13
N LYS A 603 -21.41 15.23 21.56
CA LYS A 603 -21.61 15.59 20.15
C LYS A 603 -20.54 15.13 19.17
N ILE A 604 -19.37 14.77 19.65
CA ILE A 604 -18.29 14.41 18.76
C ILE A 604 -18.58 13.08 18.06
N ASP A 605 -18.14 12.93 16.83
CA ASP A 605 -18.34 11.70 16.07
C ASP A 605 -17.48 10.59 16.72
N PRO A 606 -18.09 9.47 17.15
CA PRO A 606 -17.23 8.45 17.78
C PRO A 606 -16.02 8.04 16.92
N ALA A 607 -16.18 7.99 15.61
CA ALA A 607 -15.04 7.72 14.73
C ALA A 607 -13.86 8.68 14.96
N LEU A 608 -14.15 9.97 15.02
CA LEU A 608 -13.12 10.95 15.35
C LEU A 608 -12.56 10.75 16.75
N ALA A 609 -13.43 10.65 17.74
CA ALA A 609 -13.00 10.42 19.12
C ALA A 609 -12.02 9.29 19.20
N ALA A 610 -12.35 8.22 18.49
CA ALA A 610 -11.55 7.03 18.52
C ALA A 610 -10.16 7.23 17.91
N GLU A 611 -10.05 8.03 16.86
CA GLU A 611 -8.76 8.32 16.27
C GLU A 611 -7.89 9.22 17.17
N ILE A 612 -8.51 10.19 17.82
CA ILE A 612 -7.81 11.07 18.73
C ILE A 612 -7.26 10.29 19.94
N LEU A 613 -8.08 9.34 20.42
CA LEU A 613 -7.72 8.45 21.52
C LEU A 613 -6.87 7.27 21.11
N THR A 614 -6.35 7.34 19.90
CA THR A 614 -5.40 6.36 19.42
C THR A 614 -4.06 7.05 19.37
N LEU A 615 -3.14 6.55 20.18
CA LEU A 615 -1.82 7.15 20.23
C LEU A 615 -1.06 6.87 18.96
N PRO A 616 -0.16 7.80 18.56
CA PRO A 616 0.66 7.55 17.38
C PRO A 616 1.38 6.21 17.47
N SER A 617 1.57 5.54 16.34
CA SER A 617 2.35 4.31 16.35
C SER A 617 3.78 4.65 16.70
N VAL A 618 4.52 3.62 17.11
CA VAL A 618 5.97 3.74 17.28
C VAL A 618 6.69 4.20 16.00
N ASN A 619 6.15 3.84 14.84
CA ASN A 619 6.70 4.31 13.61
C ASN A 619 6.39 5.79 13.45
N GLU A 620 5.18 6.21 13.81
CA GLU A 620 4.83 7.64 13.73
C GLU A 620 5.69 8.46 14.68
N MET A 621 5.88 7.91 15.87
CA MET A 621 6.67 8.57 16.88
C MET A 621 8.14 8.68 16.47
N ALA A 622 8.70 7.60 15.91
CA ALA A 622 10.06 7.65 15.39
C ALA A 622 10.36 8.87 14.50
N GLU A 623 9.41 9.29 13.66
CA GLU A 623 9.66 10.41 12.75
C GLU A 623 9.89 11.74 13.48
N LEU A 624 9.67 11.78 14.79
CA LEU A 624 9.91 12.99 15.56
C LEU A 624 11.35 13.19 15.94
N PHE A 625 12.23 12.24 15.66
CA PHE A 625 13.56 12.24 16.21
C PHE A 625 14.60 12.11 15.13
N ASP A 626 15.72 12.80 15.20
CA ASP A 626 16.78 12.51 14.22
C ASP A 626 17.35 11.13 14.49
N ILE A 627 17.89 10.91 15.69
CA ILE A 627 18.33 9.58 16.10
C ILE A 627 17.17 8.85 16.80
N ILE A 628 16.90 7.60 16.46
CA ILE A 628 15.77 6.90 17.05
C ILE A 628 16.25 6.05 18.21
N ASP A 629 15.62 6.22 19.37
CA ASP A 629 15.74 5.25 20.45
C ASP A 629 14.46 4.42 20.47
N PRO A 630 14.49 3.26 19.81
CA PRO A 630 13.30 2.43 19.71
C PRO A 630 12.78 1.94 21.03
N ILE A 631 13.64 1.79 22.03
CA ILE A 631 13.18 1.22 23.29
C ILE A 631 12.46 2.30 24.10
N ALA A 632 13.12 3.44 24.26
CA ALA A 632 12.51 4.60 24.87
C ALA A 632 11.15 4.91 24.26
N ILE A 633 11.04 4.83 22.94
CA ILE A 633 9.82 5.22 22.27
C ILE A 633 8.75 4.20 22.62
N ALA A 634 9.12 2.94 22.55
CA ALA A 634 8.21 1.86 22.92
C ALA A 634 7.77 2.00 24.36
N GLU A 635 8.72 2.20 25.28
CA GLU A 635 8.39 2.31 26.69
C GLU A 635 7.60 3.55 26.96
N VAL A 636 7.92 4.65 26.30
CA VAL A 636 7.16 5.89 26.52
C VAL A 636 5.72 5.77 26.07
N ARG A 637 5.48 5.04 24.97
CA ARG A 637 4.13 4.85 24.51
C ARG A 637 3.35 4.11 25.59
N GLU A 638 3.93 3.01 26.07
CA GLU A 638 3.36 2.20 27.17
C GLU A 638 3.01 3.05 28.39
N ALA A 639 3.88 3.98 28.74
CA ALA A 639 3.69 4.77 29.94
C ALA A 639 2.64 5.82 29.71
N LEU A 640 2.65 6.42 28.53
CA LEU A 640 1.66 7.41 28.21
C LEU A 640 0.27 6.80 28.28
N THR A 641 0.17 5.57 27.80
CA THR A 641 -1.06 4.82 27.88
C THR A 641 -1.44 4.60 29.32
N ARG A 642 -0.55 3.98 30.10
CA ARG A 642 -0.77 3.74 31.54
C ARG A 642 -1.30 4.97 32.28
N THR A 643 -0.67 6.11 32.00
CA THR A 643 -1.02 7.37 32.63
C THR A 643 -2.42 7.87 32.33
N LEU A 644 -2.82 7.85 31.07
CA LEU A 644 -4.16 8.27 30.72
C LEU A 644 -5.18 7.29 31.23
N ALA A 645 -4.80 6.01 31.30
CA ALA A 645 -5.65 4.93 31.81
C ALA A 645 -5.97 5.13 33.29
N THR A 646 -5.04 5.76 33.99
CA THR A 646 -5.21 6.12 35.39
C THR A 646 -6.04 7.37 35.53
N GLU A 647 -5.52 8.46 34.96
CA GLU A 647 -6.18 9.76 34.97
C GLU A 647 -7.63 9.73 34.48
N LEU A 648 -7.89 8.99 33.39
CA LEU A 648 -9.24 8.91 32.83
C LEU A 648 -9.98 7.59 33.11
N ALA A 649 -9.57 6.81 34.10
CA ALA A 649 -10.22 5.51 34.38
C ALA A 649 -11.74 5.52 34.35
N ASP A 650 -12.37 6.48 35.01
CA ASP A 650 -13.83 6.42 35.13
C ASP A 650 -14.53 6.75 33.82
N GLU A 651 -13.97 7.69 33.07
CA GLU A 651 -14.53 8.15 31.80
C GLU A 651 -14.35 7.07 30.75
N LEU A 652 -13.16 6.48 30.74
CA LEU A 652 -12.87 5.38 29.83
C LEU A 652 -13.85 4.25 30.00
N LEU A 653 -14.22 3.93 31.23
CA LEU A 653 -15.09 2.78 31.48
C LEU A 653 -16.51 3.12 31.10
N ALA A 654 -16.87 4.37 31.37
CA ALA A 654 -18.19 4.90 31.05
C ALA A 654 -18.45 4.73 29.57
N ILE A 655 -17.53 5.26 28.78
CA ILE A 655 -17.61 5.27 27.32
C ILE A 655 -17.54 3.85 26.72
N TYR A 656 -16.69 3.00 27.30
CA TYR A 656 -16.63 1.59 26.94
C TYR A 656 -18.01 0.89 27.00
N ASN A 657 -18.73 1.04 28.11
CA ASN A 657 -20.03 0.38 28.28
C ASN A 657 -21.11 1.00 27.42
N ALA A 658 -21.12 2.32 27.40
CA ALA A 658 -22.02 3.12 26.55
C ALA A 658 -22.02 2.75 25.05
N ASN A 659 -20.91 2.23 24.55
CA ASN A 659 -20.78 1.89 23.15
C ASN A 659 -20.93 0.42 22.86
N TYR A 660 -21.37 -0.33 23.87
CA TYR A 660 -21.67 -1.73 23.69
C TYR A 660 -22.76 -1.88 22.61
N GLN A 661 -22.71 -2.98 21.86
CA GLN A 661 -23.64 -3.23 20.74
C GLN A 661 -23.93 -4.71 20.62
N SER A 662 -25.16 -5.13 20.86
CA SER A 662 -25.45 -6.57 20.84
C SER A 662 -25.39 -7.13 19.41
N GLU A 663 -25.75 -6.31 18.42
CA GLU A 663 -25.73 -6.72 17.03
C GLU A 663 -24.42 -6.37 16.35
N TYR A 664 -23.89 -7.25 15.49
CA TYR A 664 -22.72 -6.89 14.66
C TYR A 664 -23.11 -6.44 13.24
N ARG A 665 -22.61 -5.29 12.82
CA ARG A 665 -22.82 -4.86 11.45
C ARG A 665 -21.57 -4.25 10.89
N VAL A 666 -21.24 -4.60 9.65
CA VAL A 666 -20.27 -3.82 8.86
C VAL A 666 -21.01 -2.59 8.31
N GLU A 667 -21.02 -1.53 9.10
CA GLU A 667 -21.76 -0.33 8.78
C GLU A 667 -21.09 0.78 9.55
N HIS A 668 -20.96 1.94 8.93
CA HIS A 668 -19.94 2.87 9.36
C HIS A 668 -20.19 3.44 10.75
N GLU A 669 -21.44 3.61 11.14
CA GLU A 669 -21.76 4.03 12.52
C GLU A 669 -21.42 2.98 13.54
N ASP A 670 -21.74 1.74 13.22
CA ASP A 670 -21.43 0.64 14.10
C ASP A 670 -19.93 0.39 14.15
N ILE A 671 -19.20 0.58 13.07
CA ILE A 671 -17.74 0.46 13.11
C ILE A 671 -17.12 1.57 13.96
N ALA A 672 -17.61 2.81 13.83
CA ALA A 672 -17.12 3.92 14.67
C ALA A 672 -17.28 3.58 16.15
N LYS A 673 -18.52 3.38 16.58
CA LYS A 673 -18.81 3.05 17.96
C LYS A 673 -17.92 1.90 18.51
N ARG A 674 -17.74 0.88 17.69
CA ARG A 674 -16.87 -0.22 18.05
C ARG A 674 -15.40 0.20 18.14
N THR A 675 -14.91 0.96 17.16
CA THR A 675 -13.51 1.45 17.18
C THR A 675 -13.25 2.28 18.47
N LEU A 676 -14.26 3.03 18.92
CA LEU A 676 -14.17 3.81 20.17
C LEU A 676 -14.15 2.90 21.38
N ARG A 677 -15.10 1.98 21.43
CA ARG A 677 -15.19 1.07 22.57
C ARG A 677 -13.86 0.35 22.76
N ASN A 678 -13.20 -0.03 21.67
CA ASN A 678 -11.95 -0.79 21.74
C ASN A 678 -10.74 0.09 22.01
N ALA A 679 -10.81 1.34 21.59
CA ALA A 679 -9.80 2.28 21.99
C ALA A 679 -9.78 2.42 23.50
N CYS A 680 -10.96 2.54 24.10
CA CYS A 680 -11.10 2.58 25.55
C CYS A 680 -10.58 1.29 26.20
N LEU A 681 -10.98 0.15 25.66
CA LEU A 681 -10.56 -1.11 26.26
C LEU A 681 -9.06 -1.20 26.31
N ARG A 682 -8.41 -0.74 25.27
CA ARG A 682 -6.96 -0.70 25.25
C ARG A 682 -6.41 0.06 26.48
N PHE A 683 -6.84 1.29 26.70
CA PHE A 683 -6.39 2.01 27.88
C PHE A 683 -6.71 1.23 29.17
N LEU A 684 -7.97 0.87 29.37
CA LEU A 684 -8.37 0.11 30.54
C LEU A 684 -7.46 -1.10 30.80
N ALA A 685 -6.95 -1.71 29.73
CA ALA A 685 -6.03 -2.84 29.83
C ALA A 685 -4.75 -2.48 30.59
N PHE A 686 -4.32 -1.22 30.45
CA PHE A 686 -3.14 -0.72 31.13
C PHE A 686 -3.43 -0.09 32.51
N GLY A 687 -4.72 0.02 32.87
CA GLY A 687 -5.13 0.46 34.20
C GLY A 687 -4.94 -0.63 35.24
N GLU A 688 -5.79 -0.60 36.26
CA GLU A 688 -5.73 -1.53 37.36
C GLU A 688 -5.86 -2.95 36.82
N THR A 689 -5.02 -3.86 37.29
CA THR A 689 -4.84 -5.16 36.64
C THR A 689 -6.03 -6.10 36.73
N HIS A 690 -6.68 -6.15 37.88
CA HIS A 690 -7.76 -7.13 38.05
C HIS A 690 -8.96 -6.73 37.19
N LEU A 691 -9.37 -5.47 37.25
CA LEU A 691 -10.45 -4.97 36.38
C LEU A 691 -10.09 -5.16 34.88
N ALA A 692 -8.82 -4.91 34.53
CA ALA A 692 -8.34 -5.14 33.18
C ALA A 692 -8.50 -6.60 32.80
N ASP A 693 -7.95 -7.48 33.62
CA ASP A 693 -7.98 -8.90 33.29
C ASP A 693 -9.44 -9.36 33.16
N VAL A 694 -10.34 -8.76 33.95
CA VAL A 694 -11.75 -9.15 33.89
C VAL A 694 -12.37 -8.62 32.60
N LEU A 695 -12.26 -7.33 32.34
CA LEU A 695 -12.84 -6.76 31.12
C LEU A 695 -12.31 -7.46 29.87
N VAL A 696 -11.00 -7.68 29.79
CA VAL A 696 -10.40 -8.27 28.61
C VAL A 696 -10.83 -9.74 28.41
N SER A 697 -10.80 -10.56 29.46
CA SER A 697 -11.28 -11.96 29.34
C SER A 697 -12.72 -12.07 28.91
N LYS A 698 -13.53 -11.18 29.46
CA LYS A 698 -14.95 -11.22 29.28
C LYS A 698 -15.26 -10.93 27.81
N GLN A 699 -14.59 -9.92 27.26
CA GLN A 699 -14.78 -9.55 25.86
C GLN A 699 -14.23 -10.62 24.93
N PHE A 700 -13.09 -11.19 25.25
CA PHE A 700 -12.63 -12.26 24.39
C PHE A 700 -13.69 -13.34 24.25
N HIS A 701 -14.24 -13.81 25.36
CA HIS A 701 -15.14 -14.96 25.37
C HIS A 701 -16.52 -14.61 24.98
N GLU A 702 -17.02 -13.45 25.40
CA GLU A 702 -18.38 -13.04 25.03
C GLU A 702 -18.54 -12.50 23.61
N ALA A 703 -17.43 -12.25 22.92
CA ALA A 703 -17.47 -11.51 21.65
C ALA A 703 -18.16 -12.33 20.59
N ASN A 704 -18.99 -11.67 19.81
CA ASN A 704 -19.67 -12.32 18.71
C ASN A 704 -19.04 -12.04 17.35
N ASN A 705 -17.78 -11.60 17.32
CA ASN A 705 -17.10 -11.28 16.09
C ASN A 705 -15.62 -11.08 16.32
N MET A 706 -14.84 -11.14 15.25
CA MET A 706 -13.41 -11.14 15.34
C MET A 706 -12.87 -9.79 15.71
N THR A 707 -13.61 -8.71 15.42
CA THR A 707 -13.09 -7.40 15.79
C THR A 707 -12.97 -7.30 17.30
N ASP A 708 -14.03 -7.66 18.01
CA ASP A 708 -14.02 -7.56 19.47
C ASP A 708 -13.12 -8.61 20.13
N ALA A 709 -13.08 -9.82 19.57
CA ALA A 709 -12.26 -10.86 20.15
C ALA A 709 -10.81 -10.49 20.04
N LEU A 710 -10.39 -10.03 18.86
CA LEU A 710 -8.97 -9.69 18.63
C LEU A 710 -8.54 -8.44 19.43
N ALA A 711 -9.41 -7.45 19.55
CA ALA A 711 -9.06 -6.25 20.30
C ALA A 711 -8.70 -6.63 21.73
N ALA A 712 -9.49 -7.54 22.32
CA ALA A 712 -9.21 -8.05 23.65
C ALA A 712 -7.95 -8.93 23.71
N LEU A 713 -7.89 -9.92 22.82
CA LEU A 713 -6.69 -10.76 22.74
C LEU A 713 -5.44 -9.90 22.67
N SER A 714 -5.54 -8.85 21.83
CA SER A 714 -4.46 -7.96 21.54
C SER A 714 -4.06 -7.10 22.71
N ALA A 715 -5.06 -6.59 23.42
CA ALA A 715 -4.87 -5.91 24.71
C ALA A 715 -4.22 -6.80 25.78
N ALA A 716 -4.65 -8.06 25.89
CA ALA A 716 -4.01 -8.97 26.82
C ALA A 716 -2.53 -9.12 26.52
N VAL A 717 -2.15 -9.20 25.25
CA VAL A 717 -0.73 -9.35 24.90
C VAL A 717 0.03 -8.07 25.24
N ALA A 718 -0.54 -6.93 24.84
CA ALA A 718 0.11 -5.66 24.96
C ALA A 718 0.36 -5.31 26.38
N ALA A 719 -0.63 -5.60 27.22
CA ALA A 719 -0.59 -5.26 28.63
C ALA A 719 -0.13 -6.43 29.51
N GLN A 720 0.19 -7.58 28.90
CA GLN A 720 0.66 -8.77 29.64
C GLN A 720 -0.25 -9.11 30.82
N LEU A 721 -1.55 -9.09 30.58
CA LEU A 721 -2.51 -9.34 31.61
C LEU A 721 -2.45 -10.83 31.90
N PRO A 722 -2.78 -11.23 33.15
CA PRO A 722 -2.60 -12.64 33.53
C PRO A 722 -3.35 -13.62 32.64
N CYS A 723 -4.53 -13.26 32.13
CA CYS A 723 -5.26 -14.18 31.25
C CYS A 723 -4.62 -14.44 29.87
N ARG A 724 -3.46 -13.86 29.58
CA ARG A 724 -2.95 -13.82 28.21
C ARG A 724 -2.72 -15.20 27.62
N ASP A 725 -1.87 -15.99 28.26
CA ASP A 725 -1.49 -17.31 27.69
C ASP A 725 -2.67 -18.25 27.43
N ALA A 726 -3.64 -18.25 28.34
CA ALA A 726 -4.86 -19.02 28.16
C ALA A 726 -5.52 -18.59 26.87
N LEU A 727 -5.88 -17.31 26.79
CA LEU A 727 -6.55 -16.76 25.59
C LEU A 727 -5.77 -17.06 24.28
N MET A 728 -4.44 -16.94 24.32
CA MET A 728 -3.65 -17.20 23.14
C MET A 728 -3.71 -18.67 22.74
N GLN A 729 -3.61 -19.54 23.75
CA GLN A 729 -3.70 -20.98 23.51
C GLN A 729 -5.06 -21.33 22.90
N GLU A 730 -6.10 -20.63 23.33
CA GLU A 730 -7.41 -20.98 22.87
C GLU A 730 -7.57 -20.62 21.40
N TYR A 731 -7.15 -19.42 21.04
CA TYR A 731 -7.13 -18.99 19.65
C TYR A 731 -6.33 -19.97 18.78
N ASP A 732 -5.16 -20.38 19.23
CA ASP A 732 -4.41 -21.46 18.54
C ASP A 732 -5.27 -22.72 18.33
N ASP A 733 -5.80 -23.27 19.42
CA ASP A 733 -6.59 -24.51 19.38
C ASP A 733 -7.82 -24.43 18.49
N LYS A 734 -8.42 -23.25 18.36
CA LYS A 734 -9.62 -23.09 17.55
C LYS A 734 -9.27 -22.88 16.09
N TRP A 735 -8.32 -21.98 15.84
CA TRP A 735 -8.10 -21.45 14.50
C TRP A 735 -6.83 -21.94 13.80
N HIS A 736 -6.13 -22.95 14.34
CA HIS A 736 -4.79 -23.33 13.78
C HIS A 736 -4.79 -23.83 12.33
N GLN A 737 -5.82 -24.57 11.92
CA GLN A 737 -6.00 -25.00 10.52
C GLN A 737 -6.28 -23.86 9.51
N ASN A 738 -6.47 -22.64 10.03
CA ASN A 738 -6.81 -21.45 9.24
C ASN A 738 -5.72 -20.35 9.05
N GLY A 739 -5.01 -20.38 7.93
CA GLY A 739 -3.88 -19.48 7.71
C GLY A 739 -4.14 -18.02 8.06
N LEU A 740 -5.20 -17.43 7.48
CA LEU A 740 -5.41 -15.99 7.57
C LEU A 740 -5.81 -15.55 8.95
N VAL A 741 -6.47 -16.43 9.69
CA VAL A 741 -6.83 -16.11 11.07
C VAL A 741 -5.61 -16.21 11.97
N MET A 742 -4.74 -17.17 11.64
CA MET A 742 -3.50 -17.32 12.37
C MET A 742 -2.55 -16.14 12.15
N ASP A 743 -2.59 -15.53 10.98
CA ASP A 743 -1.71 -14.41 10.71
C ASP A 743 -1.84 -13.35 11.79
N LYS A 744 -3.08 -13.11 12.23
CA LYS A 744 -3.33 -12.19 13.34
C LYS A 744 -2.63 -12.61 14.65
N TRP A 745 -2.62 -13.90 14.93
CA TRP A 745 -1.98 -14.46 16.13
C TRP A 745 -0.46 -14.36 16.07
N PHE A 746 0.08 -14.73 14.92
CA PHE A 746 1.50 -14.59 14.68
C PHE A 746 1.94 -13.16 14.82
N ILE A 747 1.13 -12.21 14.35
CA ILE A 747 1.47 -10.79 14.50
C ILE A 747 1.52 -10.36 15.97
N LEU A 748 0.57 -10.85 16.75
CA LEU A 748 0.52 -10.51 18.17
C LEU A 748 1.76 -11.00 18.91
N GLN A 749 2.19 -12.18 18.50
CA GLN A 749 3.32 -12.85 19.11
C GLN A 749 4.56 -12.13 18.75
N ALA A 750 4.69 -11.80 17.47
CA ALA A 750 5.85 -11.07 16.97
C ALA A 750 5.97 -9.67 17.56
N THR A 751 4.86 -9.10 18.02
CA THR A 751 4.83 -7.74 18.57
C THR A 751 4.74 -7.69 20.09
N SER A 752 4.60 -8.83 20.73
CA SER A 752 4.50 -8.91 22.18
C SER A 752 5.60 -8.11 22.85
N PRO A 753 5.27 -7.39 23.92
CA PRO A 753 6.25 -6.63 24.71
C PRO A 753 7.06 -7.50 25.68
N ALA A 754 6.66 -8.74 25.86
CA ALA A 754 7.39 -9.65 26.74
C ALA A 754 8.87 -9.65 26.41
N ALA A 755 9.69 -10.01 27.40
CA ALA A 755 11.13 -9.99 27.25
C ALA A 755 11.67 -11.22 26.50
N ASN A 756 10.93 -12.32 26.46
CA ASN A 756 11.39 -13.53 25.76
C ASN A 756 10.83 -13.62 24.33
N VAL A 757 10.56 -12.46 23.74
CA VAL A 757 9.77 -12.39 22.49
C VAL A 757 10.50 -13.00 21.28
N LEU A 758 11.81 -12.79 21.19
CA LEU A 758 12.56 -13.36 20.09
C LEU A 758 12.64 -14.87 20.24
N GLU A 759 12.81 -15.31 21.48
CA GLU A 759 12.93 -16.73 21.73
C GLU A 759 11.65 -17.42 21.26
N THR A 760 10.51 -16.77 21.46
CA THR A 760 9.23 -17.36 21.12
C THR A 760 9.04 -17.41 19.63
N VAL A 761 9.44 -16.32 18.96
CA VAL A 761 9.29 -16.18 17.50
C VAL A 761 10.10 -17.29 16.80
N ARG A 762 11.31 -17.55 17.25
CA ARG A 762 12.07 -18.71 16.76
C ARG A 762 11.30 -20.02 16.88
N GLY A 763 10.69 -20.26 18.03
CA GLY A 763 9.94 -21.50 18.26
C GLY A 763 8.79 -21.65 17.28
N LEU A 764 8.19 -20.50 17.00
CA LEU A 764 7.07 -20.43 16.11
C LEU A 764 7.46 -20.70 14.64
N LEU A 765 8.72 -20.61 14.27
CA LEU A 765 9.13 -21.14 12.97
C LEU A 765 8.74 -22.61 12.82
N GLN A 766 8.53 -23.31 13.94
CA GLN A 766 8.08 -24.70 13.93
C GLN A 766 6.57 -24.86 14.08
N HIS A 767 5.85 -23.81 14.41
CA HIS A 767 4.43 -23.96 14.69
C HIS A 767 3.64 -24.64 13.53
N ARG A 768 2.59 -25.37 13.92
CA ARG A 768 1.72 -26.10 12.97
C ARG A 768 1.12 -25.24 11.82
N SER A 769 0.80 -23.98 12.10
CA SER A 769 0.28 -23.05 11.09
C SER A 769 1.32 -22.23 10.36
N PHE A 770 2.58 -22.27 10.81
CA PHE A 770 3.65 -21.61 10.06
C PHE A 770 4.29 -22.45 8.96
N THR A 771 4.74 -21.76 7.91
CA THR A 771 5.56 -22.35 6.89
C THR A 771 6.25 -21.25 6.05
N MET A 772 7.54 -21.44 5.76
CA MET A 772 8.36 -20.50 4.95
C MET A 772 8.00 -20.49 3.49
N SER A 773 7.07 -21.34 3.06
CA SER A 773 6.66 -21.35 1.66
C SER A 773 5.47 -20.38 1.33
N ASN A 774 5.02 -19.63 2.33
CA ASN A 774 3.82 -18.82 2.19
C ASN A 774 4.13 -17.42 2.67
N PRO A 775 4.24 -16.47 1.74
CA PRO A 775 4.56 -15.10 2.11
C PRO A 775 3.68 -14.57 3.24
N ASN A 776 2.40 -14.92 3.29
CA ASN A 776 1.54 -14.36 4.34
C ASN A 776 1.97 -14.74 5.77
N ARG A 777 2.26 -16.01 5.96
CA ARG A 777 2.80 -16.48 7.23
C ARG A 777 4.15 -15.76 7.53
N ILE A 778 5.04 -15.71 6.54
CA ILE A 778 6.33 -15.07 6.71
C ILE A 778 6.17 -13.64 7.23
N ARG A 779 5.25 -12.90 6.62
CA ARG A 779 5.07 -11.53 7.01
C ARG A 779 4.34 -11.39 8.32
N SER A 780 3.45 -12.31 8.66
CA SER A 780 2.79 -12.22 9.97
C SER A 780 3.75 -12.42 11.13
N LEU A 781 4.77 -13.24 10.92
CA LEU A 781 5.69 -13.57 11.99
C LEU A 781 6.97 -12.77 11.88
N ILE A 782 7.72 -13.04 10.82
CA ILE A 782 9.08 -12.58 10.74
C ILE A 782 9.04 -11.10 10.45
N GLY A 783 8.25 -10.73 9.47
CA GLY A 783 8.11 -9.32 9.14
C GLY A 783 7.58 -8.45 10.27
N ALA A 784 6.52 -8.92 10.93
CA ALA A 784 5.93 -8.18 12.08
C ALA A 784 6.93 -8.04 13.24
N PHE A 785 7.79 -9.04 13.42
CA PHE A 785 8.84 -8.93 14.38
C PHE A 785 9.81 -7.84 13.95
N ALA A 786 10.44 -8.01 12.80
CA ALA A 786 11.48 -7.06 12.39
C ALA A 786 11.01 -5.59 12.18
N GLY A 787 9.78 -5.39 11.68
CA GLY A 787 9.32 -4.05 11.28
C GLY A 787 8.30 -3.38 12.17
N SER A 788 7.58 -4.20 12.93
CA SER A 788 6.55 -3.70 13.81
C SER A 788 6.85 -3.96 15.26
N ASN A 789 8.02 -4.54 15.58
CA ASN A 789 8.52 -4.61 16.97
C ASN A 789 9.96 -4.08 17.08
N PRO A 790 10.15 -2.77 16.80
CA PRO A 790 11.48 -2.18 16.83
C PRO A 790 12.26 -2.35 18.14
N ALA A 791 11.56 -2.34 19.27
CA ALA A 791 12.20 -2.53 20.57
C ALA A 791 12.94 -3.88 20.65
N ALA A 792 12.32 -4.92 20.12
CA ALA A 792 12.92 -6.24 20.16
C ALA A 792 13.91 -6.46 19.03
N PHE A 793 13.60 -5.98 17.84
CA PHE A 793 14.50 -6.10 16.70
C PHE A 793 15.82 -5.40 17.02
N HIS A 794 15.68 -4.16 17.49
CA HIS A 794 16.83 -3.37 17.89
C HIS A 794 17.31 -3.62 19.33
N ALA A 795 17.07 -4.81 19.87
CA ALA A 795 17.62 -5.17 21.19
C ALA A 795 19.11 -5.00 21.15
N GLU A 796 19.67 -4.47 22.23
CA GLU A 796 21.07 -4.03 22.27
C GLU A 796 22.11 -5.08 21.93
N ASP A 797 21.84 -6.34 22.22
CA ASP A 797 22.79 -7.40 21.92
C ASP A 797 22.90 -7.77 20.44
N GLY A 798 22.15 -7.11 19.56
CA GLY A 798 22.16 -7.44 18.13
C GLY A 798 21.46 -8.73 17.72
N SER A 799 20.71 -9.32 18.65
CA SER A 799 20.03 -10.61 18.42
C SER A 799 18.92 -10.56 17.39
N GLY A 800 18.31 -9.39 17.23
CA GLY A 800 17.26 -9.20 16.24
C GLY A 800 17.88 -9.20 14.86
N TYR A 801 19.06 -8.60 14.75
CA TYR A 801 19.64 -8.50 13.45
C TYR A 801 20.08 -9.86 12.97
N LEU A 802 20.61 -10.70 13.85
CA LEU A 802 21.13 -11.98 13.39
C LEU A 802 19.96 -12.84 12.98
N PHE A 803 18.85 -12.72 13.70
CA PHE A 803 17.67 -13.48 13.35
C PHE A 803 17.21 -13.20 11.90
N LEU A 804 17.11 -11.92 11.58
CA LEU A 804 16.66 -11.52 10.26
C LEU A 804 17.65 -11.98 9.19
N VAL A 805 18.95 -11.92 9.50
CA VAL A 805 19.98 -12.40 8.59
C VAL A 805 19.82 -13.89 8.28
N GLU A 806 19.43 -14.69 9.26
CA GLU A 806 19.20 -16.11 9.03
C GLU A 806 18.06 -16.27 8.06
N MET A 807 16.96 -15.61 8.39
CA MET A 807 15.76 -15.75 7.62
C MET A 807 16.02 -15.32 6.20
N LEU A 808 16.74 -14.22 6.05
CA LEU A 808 16.99 -13.64 4.74
C LEU A 808 17.94 -14.51 3.93
N THR A 809 18.79 -15.25 4.62
CA THR A 809 19.65 -16.18 3.92
C THR A 809 18.81 -17.27 3.19
N ASP A 810 17.82 -17.80 3.90
CA ASP A 810 16.79 -18.66 3.32
C ASP A 810 16.04 -17.93 2.20
N LEU A 811 15.40 -16.82 2.54
CA LEU A 811 14.48 -16.17 1.59
C LEU A 811 15.14 -15.62 0.29
N ASN A 812 16.43 -15.34 0.34
CA ASN A 812 17.10 -14.79 -0.83
C ASN A 812 17.10 -15.78 -1.98
N SER A 813 17.19 -17.07 -1.66
CA SER A 813 17.11 -18.14 -2.67
C SER A 813 15.69 -18.51 -2.97
N ARG A 814 14.89 -18.60 -1.94
CA ARG A 814 13.50 -19.01 -2.08
C ARG A 814 12.55 -17.96 -2.73
N ASN A 815 12.67 -16.70 -2.30
CA ASN A 815 11.67 -15.68 -2.64
C ASN A 815 12.21 -14.27 -2.41
N PRO A 816 12.96 -13.79 -3.40
CA PRO A 816 13.69 -12.53 -3.26
C PRO A 816 12.81 -11.33 -3.01
N GLN A 817 11.61 -11.32 -3.58
CA GLN A 817 10.68 -10.21 -3.37
C GLN A 817 10.24 -10.08 -1.92
N VAL A 818 9.94 -11.22 -1.30
CA VAL A 818 9.57 -11.23 0.11
C VAL A 818 10.77 -10.86 0.95
N ALA A 819 11.95 -11.36 0.57
CA ALA A 819 13.20 -11.05 1.26
C ALA A 819 13.47 -9.54 1.24
N SER A 820 13.15 -8.93 0.12
CA SER A 820 13.38 -7.51 -0.03
C SER A 820 12.42 -6.74 0.85
N ARG A 821 11.19 -7.21 1.00
CA ARG A 821 10.22 -6.60 1.91
C ARG A 821 10.75 -6.63 3.34
N LEU A 822 11.32 -7.76 3.72
CA LEU A 822 11.80 -7.99 5.08
C LEU A 822 13.11 -7.30 5.44
N ILE A 823 13.95 -7.00 4.46
CA ILE A 823 15.21 -6.35 4.75
C ILE A 823 15.02 -4.90 5.18
N GLU A 824 13.84 -4.33 4.94
CA GLU A 824 13.75 -2.90 4.97
C GLU A 824 14.14 -2.34 6.34
N PRO A 825 13.68 -2.95 7.44
CA PRO A 825 14.08 -2.42 8.76
C PRO A 825 15.59 -2.29 8.94
N LEU A 826 16.34 -3.12 8.23
CA LEU A 826 17.79 -3.17 8.36
C LEU A 826 18.48 -2.07 7.59
N ILE A 827 17.90 -1.61 6.48
CA ILE A 827 18.55 -0.56 5.68
C ILE A 827 18.30 0.85 6.26
N ARG A 828 17.56 0.92 7.36
CA ARG A 828 17.38 2.15 8.12
C ARG A 828 18.48 2.42 9.18
N LEU A 829 19.56 1.65 9.17
CA LEU A 829 20.59 1.76 10.23
C LEU A 829 21.06 3.19 10.55
N LYS A 830 21.01 4.12 9.61
CA LYS A 830 21.56 5.45 9.89
C LYS A 830 20.65 6.35 10.70
N ARG A 831 19.46 5.87 11.07
CA ARG A 831 18.56 6.63 11.93
C ARG A 831 18.87 6.33 13.38
N TYR A 832 19.66 5.30 13.63
CA TYR A 832 19.95 4.81 14.95
C TYR A 832 21.34 5.20 15.39
N ASP A 833 21.63 4.92 16.66
CA ASP A 833 22.92 5.23 17.28
C ASP A 833 24.07 4.33 16.82
N ALA A 834 25.29 4.79 17.07
CA ALA A 834 26.50 4.22 16.46
C ALA A 834 26.70 2.73 16.70
N LYS A 835 26.43 2.30 17.93
CA LYS A 835 26.64 0.90 18.33
C LYS A 835 25.69 0.02 17.57
N ARG A 836 24.45 0.50 17.38
CA ARG A 836 23.45 -0.22 16.61
C ARG A 836 23.76 -0.19 15.13
N GLN A 837 24.20 0.95 14.63
CA GLN A 837 24.65 1.01 13.26
C GLN A 837 25.73 0.01 13.00
N GLU A 838 26.71 -0.09 13.89
CA GLU A 838 27.87 -0.93 13.59
C GLU A 838 27.44 -2.38 13.49
N LYS A 839 26.49 -2.78 14.32
CA LYS A 839 25.96 -4.13 14.26
C LYS A 839 25.11 -4.34 13.01
N MET A 840 24.27 -3.36 12.74
CA MET A 840 23.43 -3.42 11.57
C MET A 840 24.25 -3.42 10.28
N ARG A 841 25.27 -2.56 10.24
CA ARG A 841 26.20 -2.56 9.11
C ARG A 841 26.76 -3.95 8.90
N ALA A 842 27.30 -4.55 9.95
CA ALA A 842 27.81 -5.92 9.92
C ALA A 842 26.83 -6.96 9.35
N ALA A 843 25.59 -6.89 9.87
CA ALA A 843 24.49 -7.74 9.39
C ALA A 843 24.31 -7.57 7.89
N LEU A 844 24.25 -6.33 7.43
CA LEU A 844 24.18 -6.09 6.00
C LEU A 844 25.42 -6.64 5.24
N GLU A 845 26.63 -6.41 5.76
CA GLU A 845 27.83 -6.87 5.08
C GLU A 845 27.77 -8.39 4.94
N GLN A 846 27.21 -9.05 5.93
CA GLN A 846 27.10 -10.48 5.82
C GLN A 846 26.14 -10.92 4.71
N LEU A 847 24.98 -10.28 4.64
CA LEU A 847 24.05 -10.55 3.57
C LEU A 847 24.67 -10.20 2.22
N LYS A 848 25.37 -9.07 2.13
CA LYS A 848 26.08 -8.74 0.89
C LYS A 848 26.95 -9.90 0.42
N GLY A 849 27.55 -10.60 1.36
CA GLY A 849 28.40 -11.73 1.06
C GLY A 849 27.74 -13.02 0.60
N LEU A 850 26.40 -13.13 0.67
CA LEU A 850 25.76 -14.42 0.29
C LEU A 850 26.17 -14.82 -1.14
N GLU A 851 26.42 -16.10 -1.31
CA GLU A 851 26.55 -16.73 -2.62
C GLU A 851 25.19 -16.58 -3.33
N ASN A 852 25.18 -16.21 -4.58
CA ASN A 852 23.91 -16.05 -5.32
C ASN A 852 22.95 -15.07 -4.69
N LEU A 853 23.49 -13.93 -4.29
CA LEU A 853 22.70 -12.79 -3.88
C LEU A 853 21.73 -12.32 -4.96
N SER A 854 20.48 -12.16 -4.59
CA SER A 854 19.47 -11.65 -5.52
C SER A 854 19.65 -10.15 -5.82
N GLY A 855 19.27 -9.77 -7.03
CA GLY A 855 19.19 -8.37 -7.42
C GLY A 855 18.40 -7.57 -6.44
N ASP A 856 17.26 -8.12 -6.03
CA ASP A 856 16.29 -7.47 -5.13
C ASP A 856 17.01 -6.98 -3.85
N LEU A 857 17.78 -7.86 -3.21
CA LEU A 857 18.53 -7.46 -1.99
C LEU A 857 19.77 -6.60 -2.27
N TYR A 858 20.53 -6.95 -3.32
CA TYR A 858 21.76 -6.23 -3.67
C TYR A 858 21.53 -4.74 -3.76
N GLU A 859 20.42 -4.39 -4.41
CA GLU A 859 20.05 -3.00 -4.57
C GLU A 859 19.96 -2.25 -3.24
N LYS A 860 19.32 -2.84 -2.25
CA LYS A 860 19.08 -2.13 -1.01
C LYS A 860 20.29 -2.17 -0.15
N ILE A 861 20.99 -3.29 -0.20
CA ILE A 861 22.20 -3.45 0.60
C ILE A 861 23.29 -2.50 0.11
N THR A 862 23.54 -2.44 -1.17
CA THR A 862 24.60 -1.55 -1.58
C THR A 862 24.26 -0.11 -1.24
N LYS A 863 22.99 0.27 -1.32
CA LYS A 863 22.63 1.67 -1.01
C LYS A 863 22.78 1.90 0.47
N ALA A 864 22.34 0.93 1.26
CA ALA A 864 22.43 1.02 2.70
C ALA A 864 23.88 1.10 3.12
N LEU A 865 24.78 0.43 2.45
CA LEU A 865 26.19 0.43 2.87
C LEU A 865 26.99 1.59 2.29
N ALA A 866 26.41 2.31 1.34
CA ALA A 866 27.05 3.47 0.74
C ALA A 866 27.03 4.65 1.73
ZN ZN B . -2.39 -0.82 -8.00
N ARG C . -0.37 -3.67 -9.49
CA ARG C . -0.63 -4.30 -8.17
C ARG C . -1.45 -3.33 -7.32
O ARG C . -2.30 -3.70 -6.50
CB ARG C . 0.69 -4.66 -7.46
CG ARG C . 1.56 -5.70 -8.17
CD ARG C . 3.03 -5.54 -7.82
NE ARG C . 3.91 -6.66 -8.17
CZ ARG C . 3.93 -7.82 -7.53
NH1 ARG C . 4.77 -8.77 -7.91
NH2 ARG C . 3.10 -8.05 -6.53
OXT ARG C . -1.27 -2.13 -7.44
NA NA D . -18.18 10.39 3.52
NA NA E . -17.76 1.18 -13.40
NA NA F . 2.04 -3.25 -30.42
C1 GOL G . -2.09 20.51 13.23
O1 GOL G . -1.10 20.48 14.28
C2 GOL G . -2.65 21.90 12.96
O2 GOL G . -1.89 22.48 11.92
C3 GOL G . -4.11 21.91 12.50
O3 GOL G . -4.23 21.46 11.15
C1 GOL H . 17.98 -27.02 -28.88
O1 GOL H . 17.48 -27.82 -27.79
C2 GOL H . 17.37 -25.61 -28.88
O2 GOL H . 18.31 -24.80 -28.18
C3 GOL H . 17.21 -25.02 -30.30
O3 GOL H . 15.85 -24.81 -30.71
C1 GOL I . -25.28 -7.44 9.10
O1 GOL I . -24.12 -6.70 8.62
C2 GOL I . -26.60 -6.73 8.81
O2 GOL I . -27.58 -6.91 9.89
C3 GOL I . -26.31 -5.23 8.55
O3 GOL I . -25.24 -4.94 7.63
C1 GOL J . 1.19 -4.22 -0.13
O1 GOL J . 2.27 -3.74 0.66
C2 GOL J . 0.44 -5.24 0.73
O2 GOL J . -0.96 -4.93 0.89
C3 GOL J . 0.58 -6.60 0.07
O3 GOL J . 0.05 -7.61 0.94
C1 GOL K . 2.09 0.43 -0.29
O1 GOL K . 3.29 -0.33 -0.26
C2 GOL K . 1.15 -0.17 -1.33
O2 GOL K . 1.81 -1.27 -2.01
C3 GOL K . -0.20 -0.62 -0.73
O3 GOL K . -1.20 0.43 -0.79
C1 GOL L . 9.88 -4.63 -1.72
O1 GOL L . 9.46 -3.32 -1.30
C2 GOL L . 8.66 -5.41 -2.17
O2 GOL L . 9.07 -6.59 -2.88
C3 GOL L . 7.78 -4.52 -3.05
O3 GOL L . 6.74 -3.92 -2.27
C1 GOL M . 23.74 13.34 -1.87
O1 GOL M . 23.83 13.11 -0.45
C2 GOL M . 24.19 12.13 -2.70
O2 GOL M . 25.20 11.40 -2.00
C3 GOL M . 24.77 12.55 -4.04
O3 GOL M . 24.17 11.72 -5.04
C1 GOL N . -18.52 -8.11 24.32
O1 GOL N . -17.94 -7.13 25.21
C2 GOL N . -19.23 -7.44 23.14
O2 GOL N . -18.24 -6.76 22.38
C3 GOL N . -19.94 -8.43 22.20
O3 GOL N . -19.22 -8.59 20.96
C1 GOL O . 17.70 -19.17 -43.89
O1 GOL O . 19.15 -19.21 -44.13
C2 GOL O . 16.98 -20.11 -42.84
O2 GOL O . 17.42 -21.47 -42.69
C3 GOL O . 17.04 -19.58 -41.43
O3 GOL O . 17.00 -18.15 -41.52
C1 GOL P . -28.42 -8.89 -7.20
O1 GOL P . -27.98 -10.22 -7.59
C2 GOL P . -28.44 -7.88 -8.34
O2 GOL P . -27.09 -7.57 -8.71
C3 GOL P . -29.23 -8.37 -9.57
O3 GOL P . -30.46 -7.64 -9.70
C1 GOL Q . -14.66 3.74 8.16
O1 GOL Q . -15.10 4.63 7.11
C2 GOL Q . -15.01 4.27 9.55
O2 GOL Q . -16.43 4.16 9.79
C3 GOL Q . -14.16 3.49 10.58
O3 GOL Q . -14.25 3.97 11.95
C1 MLI R . -14.48 -16.46 18.05
C2 MLI R . -13.08 -16.39 18.65
C3 MLI R . -15.02 -15.24 17.29
O6 MLI R . -12.11 -16.53 17.88
O7 MLI R . -12.91 -16.24 19.89
O8 MLI R . -14.20 -14.63 16.57
O9 MLI R . -16.26 -14.92 17.37
C1 MLI S . 0.60 0.58 24.14
C2 MLI S . 1.85 -0.11 23.68
C3 MLI S . -0.61 -0.09 23.50
O6 MLI S . 1.92 -1.37 23.82
O7 MLI S . 2.77 0.59 23.18
O8 MLI S . -0.49 -1.27 23.13
O9 MLI S . -1.68 0.57 23.39
#